data_4UHB
#
_entry.id   4UHB
#
_cell.length_a   55.800
_cell.length_b   96.330
_cell.length_c   121.780
_cell.angle_alpha   90.00
_cell.angle_beta   90.00
_cell.angle_gamma   90.00
#
_symmetry.space_group_name_H-M   'P 21 21 21'
#
loop_
_entity.id
_entity.type
_entity.pdbx_description
1 polymer 'EPOXIDE HYDROLASE'
2 non-polymer GLYCEROL
3 non-polymer 1,2-ETHANEDIOL
4 water water
#
_entity_poly.entity_id   1
_entity_poly.type   'polypeptide(L)'
_entity_poly.pdbx_seq_one_letter_code
;MKKIEHKMVAVNGLNMHLAELGEGPTILFIHGFPELWYSWRHQMVYLAERGYRAVAPDLRGYGDTTGAPLNDPSKFSILH
LVGDVVALLEAIAPNEEKVFVVAHDWGALIAWHLCLFRPDKVKALVNLSVHFSKRNPKMNKVEGLKAIYGEDHYVSRFQV
PGEIEAEFAPIGAKSVLKKILTYRDPAPFYFPKGKGLEAIPDAPVALSSWLSEEELDYYANKFEQTGFTGAVNYYRALPI
NWELTAPWTGAQVKVPTKFIVGEFDLVYHIPGAKEYIHNGGFKKDVPLLEEVVVLEGAAHFVSQERPHEISKHIYDFIQK
FTSHHHHH
;
_entity_poly.pdbx_strand_id   A,B
#
loop_
_chem_comp.id
_chem_comp.type
_chem_comp.name
_chem_comp.formula
EDO non-polymer 1,2-ETHANEDIOL 'C2 H6 O2'
GOL non-polymer GLYCEROL 'C3 H8 O3'
#
# COMPACT_ATOMS: atom_id res chain seq x y z
N LYS A 2 19.54 17.29 -0.97
CA LYS A 2 20.46 16.94 -2.11
C LYS A 2 19.72 16.03 -3.04
N LYS A 3 20.12 15.97 -4.30
CA LYS A 3 19.58 14.97 -5.20
C LYS A 3 20.48 13.75 -4.99
N ILE A 4 20.02 12.62 -5.47
CA ILE A 4 20.80 11.38 -5.50
C ILE A 4 22.04 11.61 -6.33
N GLU A 5 23.19 11.26 -5.77
CA GLU A 5 24.47 11.41 -6.45
C GLU A 5 24.93 10.08 -7.08
N HIS A 6 25.56 10.18 -8.25
CA HIS A 6 26.03 9.00 -8.97
C HIS A 6 27.51 9.03 -9.15
N LYS A 7 28.16 7.88 -8.98
CA LYS A 7 29.61 7.79 -9.21
C LYS A 7 29.96 6.41 -9.71
N MET A 8 31.21 6.28 -10.18
CA MET A 8 31.76 5.01 -10.67
C MET A 8 32.82 4.56 -9.73
N VAL A 9 32.75 3.31 -9.28
CA VAL A 9 33.72 2.74 -8.38
C VAL A 9 34.33 1.50 -9.03
N ALA A 10 35.64 1.38 -9.04
CA ALA A 10 36.27 0.17 -9.59
C ALA A 10 36.26 -0.90 -8.55
N VAL A 11 35.62 -2.01 -8.83
CA VAL A 11 35.53 -3.14 -7.89
C VAL A 11 35.55 -4.50 -8.62
N ASN A 12 36.45 -5.38 -8.17
CA ASN A 12 36.46 -6.78 -8.64
C ASN A 12 36.46 -6.93 -10.17
N GLY A 13 37.22 -6.09 -10.86
CA GLY A 13 37.29 -6.19 -12.32
C GLY A 13 36.26 -5.35 -13.06
N LEU A 14 35.34 -4.70 -12.35
CA LEU A 14 34.28 -3.90 -12.95
C LEU A 14 34.44 -2.42 -12.66
N ASN A 15 33.76 -1.61 -13.44
CA ASN A 15 33.53 -0.22 -13.13
C ASN A 15 32.07 -0.12 -12.70
N MET A 16 31.83 -0.07 -11.39
CA MET A 16 30.47 -0.17 -10.88
C MET A 16 29.82 1.19 -10.64
N HIS A 17 28.61 1.35 -11.17
CA HIS A 17 27.82 2.53 -10.88
C HIS A 17 27.15 2.41 -9.52
N LEU A 18 27.33 3.46 -8.75
CA LEU A 18 26.78 3.58 -7.40
C LEU A 18 25.93 4.88 -7.30
N ALA A 19 24.68 4.72 -6.89
CA ALA A 19 23.84 5.81 -6.56
C ALA A 19 23.89 5.99 -5.04
N GLU A 20 23.92 7.22 -4.59
CA GLU A 20 24.06 7.49 -3.16
C GLU A 20 23.21 8.70 -2.73
N LEU A 21 22.65 8.62 -1.52
CA LEU A 21 21.87 9.69 -0.96
C LEU A 21 21.91 9.59 0.55
N GLY A 22 22.18 10.72 1.23
CA GLY A 22 22.20 10.73 2.67
C GLY A 22 23.59 10.59 3.29
N GLU A 23 23.66 10.85 4.60
CA GLU A 23 24.86 10.70 5.39
C GLU A 23 24.52 9.90 6.64
N GLY A 24 25.54 9.39 7.38
CA GLY A 24 25.22 8.51 8.55
C GLY A 24 25.58 7.06 8.24
N PRO A 25 25.15 6.14 9.09
CA PRO A 25 25.50 4.75 8.89
C PRO A 25 25.04 4.27 7.49
N THR A 26 25.85 3.39 6.91
CA THR A 26 25.59 2.90 5.56
C THR A 26 24.49 1.85 5.56
N ILE A 27 23.62 1.97 4.58
CA ILE A 27 22.71 0.90 4.14
C ILE A 27 22.96 0.61 2.69
N LEU A 28 23.40 -0.62 2.40
CA LEU A 28 23.60 -1.10 1.06
C LEU A 28 22.32 -1.78 0.56
N PHE A 29 21.79 -1.28 -0.58
CA PHE A 29 20.63 -1.82 -1.23
C PHE A 29 21.03 -2.56 -2.51
N ILE A 30 20.58 -3.80 -2.66
CA ILE A 30 20.90 -4.70 -3.74
C ILE A 30 19.65 -5.15 -4.53
N HIS A 31 19.53 -4.64 -5.76
CA HIS A 31 18.40 -4.93 -6.63
C HIS A 31 18.41 -6.33 -7.22
N GLY A 32 17.33 -6.65 -7.93
CA GLY A 32 17.16 -7.89 -8.56
C GLY A 32 16.89 -7.81 -10.04
N PHE A 33 16.18 -8.82 -10.55
CA PHE A 33 15.96 -9.00 -12.00
C PHE A 33 14.54 -8.63 -12.43
N PRO A 34 14.38 -7.90 -13.52
CA PRO A 34 15.31 -7.21 -14.38
C PRO A 34 15.30 -5.76 -13.99
N GLU A 35 15.99 -5.44 -12.93
CA GLU A 35 15.84 -4.16 -12.23
C GLU A 35 17.13 -3.37 -12.26
N LEU A 36 17.25 -2.32 -11.44
CA LEU A 36 18.38 -1.38 -11.45
C LEU A 36 18.44 -0.77 -10.05
N TRP A 37 19.44 0.05 -9.81
CA TRP A 37 19.57 0.79 -8.54
C TRP A 37 18.26 1.56 -8.28
N TYR A 38 17.66 2.00 -9.37
CA TYR A 38 16.47 2.84 -9.40
C TYR A 38 15.26 2.22 -8.74
N SER A 39 15.25 0.90 -8.58
CA SER A 39 14.13 0.23 -7.88
C SER A 39 14.06 0.60 -6.39
N TRP A 40 15.14 1.17 -5.88
CA TRP A 40 15.21 1.65 -4.53
C TRP A 40 14.89 3.13 -4.31
N ARG A 41 14.50 3.83 -5.35
CA ARG A 41 14.24 5.28 -5.28
C ARG A 41 13.47 5.76 -4.05
N HIS A 42 12.39 5.06 -3.67
CA HIS A 42 11.56 5.52 -2.52
C HIS A 42 12.24 5.24 -1.19
N GLN A 43 12.92 4.10 -1.08
CA GLN A 43 13.61 3.79 0.17
C GLN A 43 14.86 4.65 0.43
N MET A 44 15.60 4.94 -0.63
CA MET A 44 16.76 5.84 -0.50
C MET A 44 16.34 7.18 0.18
N VAL A 45 15.27 7.76 -0.32
CA VAL A 45 14.76 9.02 0.20
C VAL A 45 14.34 8.83 1.64
N TYR A 46 13.53 7.80 1.86
CA TYR A 46 12.92 7.60 3.16
C TYR A 46 13.98 7.41 4.24
N LEU A 47 14.96 6.58 3.96
CA LEU A 47 16.05 6.34 4.89
C LEU A 47 17.07 7.50 5.01
N ALA A 48 17.38 8.13 3.91
CA ALA A 48 18.27 9.31 3.94
C ALA A 48 17.66 10.42 4.77
N GLU A 49 16.36 10.58 4.64
CA GLU A 49 15.77 11.62 5.46
C GLU A 49 15.76 11.25 6.94
N ARG A 50 16.01 10.05 7.32
CA ARG A 50 16.03 9.66 8.73
C ARG A 50 17.43 9.35 9.24
N GLY A 51 18.45 9.91 8.58
CA GLY A 51 19.80 9.90 9.12
C GLY A 51 20.72 8.73 8.72
N TYR A 52 20.43 8.08 7.59
CA TYR A 52 21.25 7.00 7.05
C TYR A 52 21.80 7.39 5.67
N ARG A 53 22.93 6.78 5.30
CA ARG A 53 23.48 6.92 3.97
C ARG A 53 23.10 5.72 3.12
N ALA A 54 22.23 5.98 2.16
CA ALA A 54 21.74 4.95 1.25
C ALA A 54 22.62 4.84 0.05
N VAL A 55 23.09 3.60 -0.23
CA VAL A 55 23.97 3.31 -1.35
C VAL A 55 23.36 2.19 -2.15
N ALA A 56 23.18 2.43 -3.43
CA ALA A 56 22.58 1.42 -4.30
C ALA A 56 23.32 1.27 -5.60
N PRO A 57 24.02 0.16 -5.77
CA PRO A 57 24.66 -0.02 -7.07
C PRO A 57 23.78 -0.63 -8.16
N ASP A 58 24.23 -0.46 -9.40
CA ASP A 58 23.87 -1.37 -10.46
C ASP A 58 24.82 -2.57 -10.34
N LEU A 59 24.26 -3.76 -10.34
CA LEU A 59 25.05 -4.95 -10.23
C LEU A 59 25.79 -5.26 -11.52
N ARG A 60 26.72 -6.21 -11.43
CA ARG A 60 27.41 -6.74 -12.58
C ARG A 60 26.39 -7.04 -13.72
N GLY A 61 26.65 -6.52 -14.92
CA GLY A 61 25.82 -6.84 -16.09
C GLY A 61 24.59 -5.94 -16.26
N TYR A 62 24.40 -5.00 -15.33
CA TYR A 62 23.27 -4.13 -15.27
C TYR A 62 23.61 -2.66 -15.43
N GLY A 63 22.73 -1.97 -16.12
CA GLY A 63 22.65 -0.50 -16.01
C GLY A 63 23.95 0.15 -16.45
N ASP A 64 24.46 1.04 -15.61
CA ASP A 64 25.69 1.75 -15.87
C ASP A 64 26.96 1.07 -15.40
N THR A 65 26.83 -0.14 -14.84
CA THR A 65 27.98 -0.92 -14.41
C THR A 65 28.58 -1.67 -15.61
N THR A 66 29.89 -1.48 -15.80
CA THR A 66 30.60 -2.06 -16.93
C THR A 66 31.73 -2.99 -16.50
N GLY A 67 32.10 -3.83 -17.48
CA GLY A 67 33.31 -4.64 -17.48
C GLY A 67 33.09 -6.16 -17.45
N ALA A 68 31.89 -6.63 -17.22
CA ALA A 68 31.64 -8.06 -17.09
C ALA A 68 31.52 -8.56 -18.53
N PRO A 69 32.07 -9.71 -18.85
CA PRO A 69 31.94 -10.08 -20.28
C PRO A 69 30.60 -10.76 -20.57
N LEU A 70 29.77 -10.14 -21.39
CA LEU A 70 28.43 -10.64 -21.64
C LEU A 70 28.47 -11.98 -22.34
N ASN A 71 29.55 -12.23 -23.09
CA ASN A 71 29.69 -13.43 -23.86
C ASN A 71 30.15 -14.66 -23.02
N ASP A 72 30.29 -14.49 -21.69
CA ASP A 72 30.74 -15.56 -20.80
C ASP A 72 29.92 -15.60 -19.50
N PRO A 73 28.76 -16.30 -19.54
CA PRO A 73 27.88 -16.38 -18.36
C PRO A 73 28.53 -16.95 -17.11
N SER A 74 29.63 -17.69 -17.26
CA SER A 74 30.35 -18.25 -16.10
C SER A 74 30.88 -17.14 -15.16
N LYS A 75 31.07 -15.94 -15.69
CA LYS A 75 31.55 -14.81 -14.90
C LYS A 75 30.43 -14.08 -14.16
N PHE A 76 29.25 -14.69 -14.15
CA PHE A 76 28.09 -14.16 -13.44
C PHE A 76 27.68 -15.11 -12.32
N SER A 77 28.64 -15.94 -11.89
CA SER A 77 28.42 -16.81 -10.74
C SER A 77 28.17 -16.04 -9.45
N ILE A 78 27.62 -16.79 -8.50
CA ILE A 78 27.30 -16.24 -7.18
C ILE A 78 28.60 -15.85 -6.48
N LEU A 79 29.69 -16.54 -6.76
CA LEU A 79 30.99 -16.18 -6.18
C LEU A 79 31.50 -14.87 -6.75
N HIS A 80 31.34 -14.68 -8.06
CA HIS A 80 31.73 -13.40 -8.66
C HIS A 80 30.89 -12.28 -8.07
N LEU A 81 29.58 -12.54 -7.93
CA LEU A 81 28.65 -11.54 -7.47
C LEU A 81 28.96 -11.10 -6.01
N VAL A 82 29.17 -12.07 -5.12
CA VAL A 82 29.49 -11.73 -3.79
C VAL A 82 30.86 -11.02 -3.75
N GLY A 83 31.80 -11.45 -4.55
CA GLY A 83 33.12 -10.78 -4.67
C GLY A 83 32.97 -9.29 -5.00
N ASP A 84 32.06 -9.00 -5.97
CA ASP A 84 31.72 -7.61 -6.29
C ASP A 84 31.30 -6.81 -5.03
N VAL A 85 30.38 -7.40 -4.28
CA VAL A 85 29.79 -6.70 -3.14
C VAL A 85 30.80 -6.50 -2.02
N VAL A 86 31.61 -7.53 -1.74
CA VAL A 86 32.67 -7.40 -0.71
C VAL A 86 33.65 -6.26 -1.06
N ALA A 87 34.11 -6.26 -2.31
CA ALA A 87 35.02 -5.23 -2.79
C ALA A 87 34.36 -3.84 -2.78
N LEU A 88 33.09 -3.80 -3.10
CA LEU A 88 32.36 -2.55 -3.09
C LEU A 88 32.33 -1.96 -1.67
N LEU A 89 31.99 -2.79 -0.71
CA LEU A 89 31.99 -2.35 0.67
C LEU A 89 33.40 -1.91 1.20
N GLU A 90 34.46 -2.58 0.78
CA GLU A 90 35.78 -2.17 1.12
C GLU A 90 36.07 -0.78 0.54
N ALA A 91 35.58 -0.55 -0.66
CA ALA A 91 35.85 0.74 -1.32
C ALA A 91 35.00 1.88 -0.71
N ILE A 92 33.72 1.65 -0.45
CA ILE A 92 32.81 2.75 -0.12
C ILE A 92 32.40 2.87 1.33
N ALA A 93 32.77 1.90 2.16
CA ALA A 93 32.46 1.96 3.57
C ALA A 93 33.67 1.52 4.36
N PRO A 94 34.81 2.20 4.15
CA PRO A 94 36.10 1.77 4.81
C PRO A 94 36.18 1.91 6.36
N ASN A 95 35.24 2.65 6.93
CA ASN A 95 35.22 2.86 8.38
C ASN A 95 34.08 2.17 9.11
N GLU A 96 33.46 1.21 8.43
CA GLU A 96 32.37 0.50 9.05
C GLU A 96 32.64 -0.97 8.85
N GLU A 97 32.98 -1.62 9.93
CA GLU A 97 33.26 -3.05 9.92
C GLU A 97 32.01 -3.81 9.44
N LYS A 98 30.85 -3.38 9.91
CA LYS A 98 29.57 -3.97 9.48
C LYS A 98 28.57 -2.91 9.00
N VAL A 99 27.81 -3.22 7.92
CA VAL A 99 26.80 -2.31 7.41
C VAL A 99 25.46 -3.02 7.35
N PHE A 100 24.43 -2.23 7.19
CA PHE A 100 23.11 -2.78 6.96
C PHE A 100 22.99 -3.12 5.51
N VAL A 101 22.30 -4.21 5.23
CA VAL A 101 22.02 -4.69 3.89
C VAL A 101 20.51 -4.93 3.69
N VAL A 102 20.00 -4.36 2.60
CA VAL A 102 18.65 -4.53 2.16
C VAL A 102 18.69 -5.04 0.72
N ALA A 103 17.97 -6.12 0.42
CA ALA A 103 18.06 -6.71 -0.91
C ALA A 103 16.79 -7.36 -1.39
N HIS A 104 16.71 -7.59 -2.70
CA HIS A 104 15.51 -8.11 -3.31
C HIS A 104 15.86 -9.06 -4.44
N ASP A 105 15.15 -10.18 -4.52
CA ASP A 105 15.17 -11.09 -5.72
C ASP A 105 16.62 -11.66 -5.90
N TRP A 106 17.28 -11.50 -7.06
CA TRP A 106 18.70 -11.89 -7.22
C TRP A 106 19.58 -11.20 -6.19
N GLY A 107 19.23 -9.96 -5.85
CA GLY A 107 19.99 -9.27 -4.86
C GLY A 107 19.91 -9.95 -3.51
N ALA A 108 18.73 -10.50 -3.20
CA ALA A 108 18.57 -11.25 -1.94
C ALA A 108 19.38 -12.50 -1.96
N LEU A 109 19.45 -13.16 -3.11
CA LEU A 109 20.33 -14.37 -3.22
C LEU A 109 21.76 -14.03 -2.93
N ILE A 110 22.18 -12.95 -3.55
CA ILE A 110 23.52 -12.38 -3.32
C ILE A 110 23.72 -12.09 -1.85
N ALA A 111 22.74 -11.43 -1.20
CA ALA A 111 22.82 -11.10 0.21
C ALA A 111 22.87 -12.34 1.13
N TRP A 112 22.10 -13.39 0.82
CA TRP A 112 22.19 -14.61 1.62
C TRP A 112 23.66 -15.15 1.57
N HIS A 113 24.25 -15.16 0.38
CA HIS A 113 25.60 -15.69 0.24
C HIS A 113 26.65 -14.74 0.82
N LEU A 114 26.43 -13.44 0.71
CA LEU A 114 27.27 -12.49 1.44
C LEU A 114 27.31 -12.82 2.93
N CYS A 115 26.13 -13.11 3.50
CA CYS A 115 26.00 -13.40 4.92
C CYS A 115 26.61 -14.72 5.28
N LEU A 116 26.53 -15.71 4.41
CA LEU A 116 27.19 -16.95 4.62
C LEU A 116 28.68 -16.83 4.57
N PHE A 117 29.19 -16.21 3.52
CA PHE A 117 30.61 -16.18 3.27
C PHE A 117 31.29 -15.15 4.20
N ARG A 118 30.67 -14.00 4.41
CA ARG A 118 31.28 -12.92 5.20
C ARG A 118 30.30 -12.29 6.21
N PRO A 119 29.89 -13.06 7.24
CA PRO A 119 28.99 -12.49 8.22
C PRO A 119 29.61 -11.33 8.98
N ASP A 120 30.93 -11.27 8.97
CA ASP A 120 31.67 -10.22 9.66
C ASP A 120 31.46 -8.84 9.03
N LYS A 121 30.87 -8.82 7.86
CA LYS A 121 30.61 -7.56 7.16
C LYS A 121 29.16 -7.03 7.24
N VAL A 122 28.26 -7.84 7.78
CA VAL A 122 26.84 -7.46 7.77
C VAL A 122 26.29 -7.33 9.18
N LYS A 123 25.77 -6.14 9.51
CA LYS A 123 25.18 -5.85 10.81
C LYS A 123 23.82 -6.53 10.95
N ALA A 124 23.00 -6.35 9.95
CA ALA A 124 21.66 -6.90 9.89
C ALA A 124 21.16 -6.82 8.45
N LEU A 125 20.23 -7.71 8.11
CA LEU A 125 19.76 -7.92 6.77
C LEU A 125 18.23 -7.84 6.69
N VAL A 126 17.77 -7.10 5.71
CA VAL A 126 16.39 -7.17 5.25
C VAL A 126 16.34 -7.73 3.82
N ASN A 127 15.75 -8.90 3.66
CA ASN A 127 15.71 -9.55 2.35
C ASN A 127 14.27 -9.63 1.88
N LEU A 128 14.07 -9.26 0.61
CA LEU A 128 12.79 -9.23 0.02
C LEU A 128 12.67 -10.35 -1.03
N SER A 129 11.51 -10.98 -1.04
CA SER A 129 11.06 -11.93 -2.10
CA SER A 129 11.06 -11.91 -2.07
C SER A 129 11.68 -13.32 -2.03
N VAL A 130 13.01 -13.41 -2.04
CA VAL A 130 13.69 -14.71 -2.16
C VAL A 130 14.19 -15.19 -0.83
N HIS A 131 13.53 -16.24 -0.34
CA HIS A 131 13.89 -16.90 0.93
C HIS A 131 15.20 -17.67 0.77
N PHE A 132 15.81 -18.06 1.88
CA PHE A 132 17.06 -18.78 1.85
C PHE A 132 16.81 -20.04 1.07
N SER A 133 17.68 -20.33 0.11
CA SER A 133 17.53 -21.55 -0.72
C SER A 133 18.51 -22.58 -0.21
N LYS A 134 18.01 -23.50 0.55
CA LYS A 134 18.79 -24.61 0.99
C LYS A 134 19.21 -25.45 -0.22
N ARG A 135 20.49 -25.77 -0.32
CA ARG A 135 21.00 -26.51 -1.47
C ARG A 135 20.35 -27.89 -1.58
N ASN A 136 19.79 -28.22 -2.71
CA ASN A 136 19.23 -29.57 -2.96
C ASN A 136 20.33 -30.47 -3.46
N PRO A 137 20.63 -31.52 -2.72
CA PRO A 137 21.75 -32.38 -3.11
C PRO A 137 21.57 -33.15 -4.40
N LYS A 138 20.36 -33.25 -4.89
CA LYS A 138 20.06 -34.09 -6.03
C LYS A 138 20.23 -33.42 -7.39
N MET A 139 20.04 -32.11 -7.43
CA MET A 139 20.05 -31.45 -8.72
C MET A 139 20.06 -29.97 -8.53
N ASN A 140 20.55 -29.30 -9.55
CA ASN A 140 20.61 -27.85 -9.54
C ASN A 140 19.23 -27.19 -9.78
N LYS A 141 19.16 -25.89 -9.57
CA LYS A 141 17.87 -25.22 -9.59
C LYS A 141 17.20 -25.25 -10.96
N VAL A 142 17.98 -25.15 -12.01
CA VAL A 142 17.45 -25.19 -13.37
C VAL A 142 16.74 -26.51 -13.63
N GLU A 143 17.43 -27.62 -13.37
CA GLU A 143 16.86 -28.95 -13.51
C GLU A 143 15.60 -29.15 -12.64
N GLY A 144 15.68 -28.66 -11.42
CA GLY A 144 14.58 -28.74 -10.43
C GLY A 144 13.33 -28.05 -10.93
N LEU A 145 13.50 -26.83 -11.44
CA LEU A 145 12.39 -25.99 -11.88
C LEU A 145 11.82 -26.52 -13.19
N LYS A 146 12.68 -27.03 -14.07
CA LYS A 146 12.24 -27.64 -15.29
C LYS A 146 11.41 -28.92 -15.07
N ALA A 147 11.82 -29.74 -14.10
CA ALA A 147 11.09 -30.95 -13.72
C ALA A 147 9.64 -30.64 -13.28
N ILE A 148 9.45 -29.51 -12.62
CA ILE A 148 8.14 -29.09 -12.11
C ILE A 148 7.33 -28.38 -13.19
N TYR A 149 7.95 -27.46 -13.92
CA TYR A 149 7.21 -26.50 -14.76
C TYR A 149 7.40 -26.69 -16.29
N GLY A 150 8.36 -27.52 -16.67
CA GLY A 150 8.65 -27.80 -18.06
C GLY A 150 9.57 -26.80 -18.77
N GLU A 151 9.80 -27.07 -20.05
CA GLU A 151 10.80 -26.37 -20.84
C GLU A 151 10.48 -24.88 -21.14
N ASP A 152 9.23 -24.46 -21.08
CA ASP A 152 8.89 -23.07 -21.35
C ASP A 152 9.02 -22.16 -20.10
N HIS A 153 9.26 -22.75 -18.95
CA HIS A 153 9.51 -21.99 -17.72
C HIS A 153 10.66 -21.03 -18.00
N TYR A 154 10.50 -19.79 -17.54
CA TYR A 154 11.48 -18.75 -17.84
C TYR A 154 12.94 -19.14 -17.52
N VAL A 155 13.16 -19.78 -16.39
CA VAL A 155 14.54 -20.16 -16.02
C VAL A 155 15.14 -21.10 -17.04
N SER A 156 14.36 -22.01 -17.59
CA SER A 156 14.80 -22.89 -18.59
C SER A 156 14.98 -22.17 -19.95
N ARG A 157 14.02 -21.34 -20.32
CA ARG A 157 14.11 -20.60 -21.55
C ARG A 157 15.26 -19.58 -21.57
N PHE A 158 15.66 -19.12 -20.39
CA PHE A 158 16.81 -18.23 -20.26
C PHE A 158 18.20 -18.90 -20.48
N GLN A 159 18.28 -20.23 -20.55
CA GLN A 159 19.59 -20.90 -20.43
C GLN A 159 20.55 -20.69 -21.58
N VAL A 160 20.07 -20.83 -22.80
CA VAL A 160 21.01 -20.77 -23.94
C VAL A 160 21.23 -19.32 -24.39
N PRO A 161 22.48 -18.82 -24.35
CA PRO A 161 22.75 -17.44 -24.71
C PRO A 161 22.23 -17.06 -26.08
N GLY A 162 21.58 -15.91 -26.18
CA GLY A 162 21.03 -15.48 -27.43
C GLY A 162 19.55 -15.83 -27.70
N GLU A 163 19.01 -16.88 -27.05
CA GLU A 163 17.67 -17.32 -27.36
C GLU A 163 16.62 -16.35 -26.86
N ILE A 164 16.61 -16.09 -25.56
CA ILE A 164 15.64 -15.15 -25.01
C ILE A 164 15.91 -13.72 -25.55
N GLU A 165 17.18 -13.40 -25.78
CA GLU A 165 17.52 -12.08 -26.34
C GLU A 165 16.84 -11.88 -27.70
N ALA A 166 16.86 -12.93 -28.51
CA ALA A 166 16.18 -12.89 -29.81
C ALA A 166 14.67 -12.86 -29.68
N GLU A 167 14.13 -13.56 -28.68
CA GLU A 167 12.71 -13.48 -28.46
C GLU A 167 12.30 -12.05 -28.18
N PHE A 168 13.07 -11.40 -27.30
CA PHE A 168 12.72 -10.05 -26.85
C PHE A 168 13.02 -8.97 -27.89
N ALA A 169 13.99 -9.19 -28.77
CA ALA A 169 14.44 -8.14 -29.71
C ALA A 169 13.32 -7.40 -30.48
N PRO A 170 12.39 -8.11 -31.09
CA PRO A 170 11.36 -7.41 -31.82
C PRO A 170 10.32 -6.78 -30.95
N ILE A 171 10.22 -7.22 -29.70
CA ILE A 171 9.25 -6.72 -28.76
C ILE A 171 9.69 -5.42 -28.15
N GLY A 172 10.97 -5.26 -27.86
CA GLY A 172 11.49 -4.01 -27.32
C GLY A 172 11.53 -4.10 -25.81
N ALA A 173 12.52 -3.45 -25.23
CA ALA A 173 12.69 -3.49 -23.79
C ALA A 173 11.48 -2.95 -23.00
N LYS A 174 10.86 -1.90 -23.51
CA LYS A 174 9.75 -1.29 -22.83
C LYS A 174 8.59 -2.22 -22.63
N SER A 175 8.16 -2.89 -23.69
CA SER A 175 7.08 -3.83 -23.55
C SER A 175 7.42 -5.03 -22.65
N VAL A 176 8.64 -5.55 -22.76
CA VAL A 176 9.08 -6.66 -22.00
C VAL A 176 9.01 -6.23 -20.50
N LEU A 177 9.65 -5.10 -20.21
CA LEU A 177 9.69 -4.63 -18.85
C LEU A 177 8.30 -4.33 -18.24
N LYS A 178 7.44 -3.71 -19.02
CA LYS A 178 6.07 -3.43 -18.55
C LYS A 178 5.34 -4.72 -18.20
N LYS A 179 5.48 -5.72 -19.06
CA LYS A 179 4.84 -6.98 -18.83
C LYS A 179 5.32 -7.66 -17.56
N ILE A 180 6.64 -7.61 -17.34
CA ILE A 180 7.22 -8.25 -16.16
C ILE A 180 6.91 -7.44 -14.91
N LEU A 181 7.13 -6.14 -14.98
CA LEU A 181 6.97 -5.26 -13.81
C LEU A 181 5.51 -5.28 -13.25
N THR A 182 4.55 -5.36 -14.17
CA THR A 182 3.12 -5.31 -13.84
C THR A 182 2.48 -6.70 -13.61
N TYR A 183 3.28 -7.77 -13.70
CA TYR A 183 2.83 -9.11 -13.55
C TYR A 183 2.37 -9.36 -12.12
N ARG A 184 1.26 -10.07 -11.94
CA ARG A 184 0.71 -10.30 -10.58
C ARG A 184 0.27 -11.75 -10.30
N ASP A 185 0.27 -12.62 -11.30
CA ASP A 185 -0.24 -13.97 -11.11
C ASP A 185 0.80 -14.82 -10.37
N PRO A 186 0.35 -15.71 -9.48
CA PRO A 186 1.36 -16.46 -8.77
C PRO A 186 2.11 -17.53 -9.57
N ALA A 187 1.71 -17.86 -10.76
CA ALA A 187 2.48 -18.80 -11.58
C ALA A 187 3.80 -18.23 -12.07
N PRO A 188 4.76 -19.10 -12.33
CA PRO A 188 5.98 -18.59 -12.98
C PRO A 188 5.78 -18.08 -14.40
N PHE A 189 6.67 -17.20 -14.88
CA PHE A 189 6.65 -16.76 -16.25
C PHE A 189 6.97 -17.92 -17.18
N TYR A 190 6.29 -17.97 -18.33
CA TYR A 190 6.58 -18.87 -19.44
C TYR A 190 6.88 -18.05 -20.65
N PHE A 191 7.87 -18.51 -21.40
CA PHE A 191 8.27 -17.91 -22.64
C PHE A 191 8.39 -18.94 -23.77
N PRO A 192 7.27 -19.42 -24.30
CA PRO A 192 7.34 -20.39 -25.40
C PRO A 192 7.95 -19.75 -26.65
N LYS A 193 8.81 -20.53 -27.33
CA LYS A 193 9.52 -20.09 -28.48
C LYS A 193 8.63 -19.43 -29.52
N GLY A 194 8.99 -18.23 -29.87
CA GLY A 194 8.27 -17.51 -30.89
C GLY A 194 6.94 -16.92 -30.46
N LYS A 195 6.54 -17.06 -29.19
CA LYS A 195 5.25 -16.56 -28.74
C LYS A 195 5.40 -15.27 -27.94
N GLY A 196 6.62 -14.75 -27.86
CA GLY A 196 6.84 -13.47 -27.22
C GLY A 196 6.24 -13.41 -25.84
N LEU A 197 5.38 -12.43 -25.60
CA LEU A 197 4.82 -12.22 -24.24
C LEU A 197 3.40 -12.81 -24.07
N GLU A 198 2.97 -13.57 -25.07
CA GLU A 198 1.60 -14.07 -25.15
C GLU A 198 1.22 -15.02 -24.02
N ALA A 199 2.17 -15.70 -23.40
CA ALA A 199 1.80 -16.66 -22.34
C ALA A 199 1.76 -15.99 -20.97
N ILE A 200 1.95 -14.67 -20.88
CA ILE A 200 1.94 -14.01 -19.59
C ILE A 200 0.62 -13.26 -19.45
N PRO A 201 -0.18 -13.61 -18.45
CA PRO A 201 -1.46 -12.91 -18.34
C PRO A 201 -1.31 -11.50 -17.82
N ASP A 202 -2.24 -10.64 -18.21
CA ASP A 202 -2.31 -9.26 -17.73
C ASP A 202 -3.25 -9.10 -16.51
N ALA A 203 -2.85 -8.30 -15.54
CA ALA A 203 -3.74 -7.93 -14.43
C ALA A 203 -4.57 -6.72 -14.84
N PRO A 204 -5.70 -6.46 -14.17
CA PRO A 204 -6.37 -5.17 -14.36
C PRO A 204 -5.42 -4.00 -14.24
N VAL A 205 -5.54 -3.04 -15.14
CA VAL A 205 -4.64 -1.93 -15.21
C VAL A 205 -4.55 -1.09 -13.91
N ALA A 206 -5.67 -0.96 -13.21
CA ALA A 206 -5.70 -0.20 -11.93
C ALA A 206 -4.71 -0.73 -10.91
N LEU A 207 -4.40 -2.04 -10.98
CA LEU A 207 -3.47 -2.64 -10.05
C LEU A 207 -1.99 -2.30 -10.29
N SER A 208 -1.65 -1.72 -11.44
CA SER A 208 -0.27 -1.18 -11.66
C SER A 208 -0.15 0.35 -11.68
N SER A 209 -1.12 1.05 -11.06
CA SER A 209 -1.02 2.53 -10.95
C SER A 209 0.22 2.96 -10.15
N TRP A 210 0.86 2.06 -9.42
CA TRP A 210 2.14 2.40 -8.69
C TRP A 210 3.36 2.65 -9.63
N LEU A 211 3.26 2.24 -10.88
CA LEU A 211 4.35 2.43 -11.82
C LEU A 211 3.97 3.47 -12.81
N SER A 212 4.66 4.60 -12.80
CA SER A 212 4.34 5.66 -13.73
C SER A 212 5.03 5.38 -15.06
N GLU A 213 4.52 6.01 -16.09
CA GLU A 213 5.14 5.92 -17.39
C GLU A 213 6.66 6.37 -17.32
N GLU A 214 6.93 7.42 -16.56
CA GLU A 214 8.27 7.95 -16.47
C GLU A 214 9.18 6.93 -15.83
N GLU A 215 8.69 6.24 -14.81
CA GLU A 215 9.44 5.20 -14.13
C GLU A 215 9.65 4.01 -15.01
N LEU A 216 8.60 3.58 -15.74
CA LEU A 216 8.78 2.55 -16.72
C LEU A 216 9.88 2.92 -17.77
N ASP A 217 9.83 4.15 -18.25
CA ASP A 217 10.78 4.59 -19.26
C ASP A 217 12.21 4.57 -18.76
N TYR A 218 12.40 4.81 -17.48
CA TYR A 218 13.76 4.75 -16.93
C TYR A 218 14.32 3.35 -17.16
N TYR A 219 13.57 2.33 -16.77
CA TYR A 219 14.03 0.98 -16.98
C TYR A 219 14.16 0.63 -18.47
N ALA A 220 13.16 1.00 -19.25
CA ALA A 220 13.17 0.71 -20.70
C ALA A 220 14.36 1.29 -21.45
N ASN A 221 14.63 2.58 -21.23
CA ASN A 221 15.73 3.26 -21.85
C ASN A 221 17.08 2.59 -21.50
N LYS A 222 17.25 2.12 -20.27
CA LYS A 222 18.50 1.56 -19.85
C LYS A 222 18.64 0.18 -20.48
N PHE A 223 17.59 -0.64 -20.40
CA PHE A 223 17.70 -1.99 -20.98
C PHE A 223 17.77 -1.96 -22.51
N GLU A 224 17.25 -0.93 -23.10
CA GLU A 224 17.37 -0.75 -24.56
C GLU A 224 18.87 -0.50 -24.89
N GLN A 225 19.60 0.21 -24.02
CA GLN A 225 21.06 0.49 -24.22
C GLN A 225 21.85 -0.83 -23.94
N THR A 226 21.60 -1.47 -22.80
CA THR A 226 22.43 -2.60 -22.36
C THR A 226 22.05 -3.92 -23.01
N GLY A 227 20.80 -4.07 -23.45
CA GLY A 227 20.22 -5.39 -23.64
C GLY A 227 20.01 -6.14 -22.30
N PHE A 228 19.54 -7.39 -22.42
CA PHE A 228 19.19 -8.20 -21.28
C PHE A 228 20.24 -9.25 -20.93
N THR A 229 21.29 -9.37 -21.74
CA THR A 229 22.24 -10.51 -21.58
C THR A 229 22.86 -10.50 -20.20
N GLY A 230 23.33 -9.33 -19.78
CA GLY A 230 23.97 -9.27 -18.43
C GLY A 230 23.06 -9.84 -17.35
N ALA A 231 21.84 -9.35 -17.33
CA ALA A 231 20.85 -9.73 -16.34
C ALA A 231 20.48 -11.20 -16.40
N VAL A 232 20.24 -11.70 -17.62
CA VAL A 232 19.84 -13.08 -17.82
C VAL A 232 20.96 -14.05 -17.51
N ASN A 233 22.19 -13.61 -17.76
CA ASN A 233 23.35 -14.42 -17.41
C ASN A 233 23.37 -14.95 -15.96
N TYR A 234 22.78 -14.24 -15.02
CA TYR A 234 22.69 -14.73 -13.63
C TYR A 234 22.03 -16.12 -13.57
N TYR A 235 20.96 -16.30 -14.33
CA TYR A 235 20.23 -17.58 -14.41
C TYR A 235 21.09 -18.66 -15.14
N ARG A 236 21.88 -18.23 -16.13
CA ARG A 236 22.74 -19.14 -16.86
C ARG A 236 23.84 -19.72 -15.99
N ALA A 237 24.18 -19.00 -14.93
CA ALA A 237 25.17 -19.44 -13.97
C ALA A 237 24.61 -20.29 -12.84
N LEU A 238 23.29 -20.52 -12.82
CA LEU A 238 22.70 -21.37 -11.78
C LEU A 238 23.38 -22.75 -11.72
N PRO A 239 23.65 -23.44 -12.87
CA PRO A 239 24.28 -24.77 -12.73
C PRO A 239 25.64 -24.72 -12.06
N ILE A 240 26.50 -23.79 -12.46
CA ILE A 240 27.77 -23.69 -11.74
C ILE A 240 27.61 -23.22 -10.30
N ASN A 241 26.66 -22.33 -10.03
CA ASN A 241 26.43 -21.93 -8.64
C ASN A 241 26.16 -23.09 -7.72
N TRP A 242 25.32 -24.01 -8.15
CA TRP A 242 25.02 -25.23 -7.44
C TRP A 242 26.30 -26.07 -7.14
N GLU A 243 27.17 -26.24 -8.10
CA GLU A 243 28.44 -26.95 -7.86
C GLU A 243 29.35 -26.19 -6.90
N LEU A 244 29.48 -24.88 -7.10
CA LEU A 244 30.42 -24.06 -6.33
C LEU A 244 30.01 -23.84 -4.87
N THR A 245 28.73 -24.05 -4.57
CA THR A 245 28.24 -23.81 -3.22
C THR A 245 28.13 -25.05 -2.34
N ALA A 246 28.63 -26.18 -2.82
CA ALA A 246 28.65 -27.37 -2.02
C ALA A 246 29.37 -27.24 -0.66
N PRO A 247 30.39 -26.39 -0.52
CA PRO A 247 31.03 -26.33 0.81
C PRO A 247 30.13 -25.85 1.94
N TRP A 248 29.00 -25.24 1.59
CA TRP A 248 28.10 -24.59 2.58
C TRP A 248 26.86 -25.42 2.88
N THR A 249 26.86 -26.68 2.53
CA THR A 249 25.79 -27.60 2.94
C THR A 249 25.76 -27.70 4.45
N GLY A 250 24.58 -27.45 5.03
CA GLY A 250 24.43 -27.49 6.49
C GLY A 250 24.85 -26.24 7.23
N ALA A 251 25.33 -25.21 6.51
CA ALA A 251 25.84 -24.01 7.15
C ALA A 251 24.64 -23.11 7.41
N GLN A 252 24.70 -22.32 8.48
CA GLN A 252 23.63 -21.42 8.82
C GLN A 252 24.02 -19.98 8.55
N VAL A 253 23.05 -19.15 8.18
CA VAL A 253 23.24 -17.70 8.14
C VAL A 253 23.12 -17.20 9.58
N LYS A 254 24.14 -16.53 10.08
CA LYS A 254 24.20 -16.09 11.46
C LYS A 254 23.91 -14.59 11.69
N VAL A 255 23.47 -13.91 10.64
CA VAL A 255 23.18 -12.48 10.71
C VAL A 255 21.72 -12.23 11.09
N PRO A 256 21.43 -11.21 11.94
CA PRO A 256 20.02 -10.89 12.22
C PRO A 256 19.33 -10.52 10.91
N THR A 257 18.15 -11.10 10.70
CA THR A 257 17.44 -11.01 9.44
C THR A 257 15.94 -10.76 9.59
N LYS A 258 15.43 -9.93 8.70
CA LYS A 258 14.02 -9.78 8.49
C LYS A 258 13.71 -10.11 7.04
N PHE A 259 12.68 -10.92 6.83
CA PHE A 259 12.30 -11.34 5.49
C PHE A 259 10.90 -10.89 5.18
N ILE A 260 10.71 -10.32 4.00
CA ILE A 260 9.43 -9.75 3.58
C ILE A 260 9.11 -10.22 2.21
N VAL A 261 7.87 -10.62 1.98
CA VAL A 261 7.43 -11.16 0.65
C VAL A 261 6.00 -10.76 0.35
N GLY A 262 5.69 -10.46 -0.91
CA GLY A 262 4.33 -10.16 -1.25
C GLY A 262 3.50 -11.47 -1.41
N GLU A 263 2.24 -11.38 -0.98
CA GLU A 263 1.28 -12.47 -1.09
C GLU A 263 1.27 -13.24 -2.45
N PHE A 264 1.32 -12.48 -3.53
CA PHE A 264 1.24 -12.99 -4.87
C PHE A 264 2.54 -13.20 -5.62
N ASP A 265 3.67 -13.02 -4.93
CA ASP A 265 4.99 -13.23 -5.58
C ASP A 265 5.13 -14.66 -6.05
N LEU A 266 5.36 -14.88 -7.35
CA LEU A 266 5.55 -16.21 -7.89
C LEU A 266 6.60 -17.02 -7.08
N VAL A 267 7.62 -16.34 -6.54
CA VAL A 267 8.68 -17.08 -5.86
C VAL A 267 8.13 -17.76 -4.59
N TYR A 268 7.17 -17.07 -3.95
CA TYR A 268 6.51 -17.52 -2.74
C TYR A 268 5.59 -18.72 -2.96
N HIS A 269 5.23 -18.95 -4.23
CA HIS A 269 4.38 -20.06 -4.62
C HIS A 269 5.11 -21.22 -5.26
N ILE A 270 6.43 -21.20 -5.20
CA ILE A 270 7.20 -22.39 -5.64
C ILE A 270 6.81 -23.55 -4.70
N PRO A 271 6.60 -24.77 -5.23
CA PRO A 271 6.16 -25.84 -4.32
C PRO A 271 7.17 -26.02 -3.20
N GLY A 272 6.66 -26.08 -1.98
CA GLY A 272 7.49 -26.24 -0.82
C GLY A 272 7.95 -24.93 -0.17
N ALA A 273 7.85 -23.80 -0.88
CA ALA A 273 8.39 -22.57 -0.34
C ALA A 273 7.66 -22.14 0.94
N LYS A 274 6.34 -22.11 0.88
CA LYS A 274 5.52 -21.67 2.03
C LYS A 274 5.79 -22.51 3.28
N GLU A 275 5.95 -23.81 3.05
CA GLU A 275 6.22 -24.74 4.14
C GLU A 275 7.63 -24.51 4.72
N TYR A 276 8.62 -24.35 3.88
CA TYR A 276 9.97 -24.02 4.34
C TYR A 276 9.96 -22.71 5.14
N ILE A 277 9.30 -21.70 4.59
CA ILE A 277 9.34 -20.34 5.14
C ILE A 277 8.64 -20.29 6.50
N HIS A 278 7.53 -20.98 6.65
CA HIS A 278 6.70 -20.78 7.87
C HIS A 278 6.76 -21.87 8.90
N ASN A 279 7.18 -23.07 8.48
CA ASN A 279 7.06 -24.23 9.37
C ASN A 279 8.37 -24.69 10.00
N GLY A 280 9.39 -23.85 9.91
CA GLY A 280 10.62 -24.09 10.66
C GLY A 280 11.89 -24.27 9.90
N GLY A 281 11.83 -24.74 8.66
CA GLY A 281 13.02 -24.92 7.85
C GLY A 281 13.86 -23.63 7.74
N PHE A 282 13.18 -22.55 7.43
CA PHE A 282 13.82 -21.27 7.22
C PHE A 282 14.56 -20.83 8.48
N LYS A 283 13.84 -20.91 9.59
CA LYS A 283 14.40 -20.53 10.92
C LYS A 283 15.60 -21.43 11.37
N LYS A 284 15.60 -22.69 10.95
CA LYS A 284 16.79 -23.54 11.16
C LYS A 284 18.00 -23.08 10.38
N ASP A 285 17.80 -22.68 9.13
CA ASP A 285 18.91 -22.17 8.33
C ASP A 285 19.35 -20.76 8.70
N VAL A 286 18.44 -19.98 9.24
CA VAL A 286 18.63 -18.55 9.53
C VAL A 286 18.16 -18.32 10.99
N PRO A 287 18.98 -18.72 11.94
CA PRO A 287 18.50 -18.77 13.38
C PRO A 287 18.13 -17.43 14.02
N LEU A 288 18.61 -16.33 13.43
CA LEU A 288 18.29 -14.99 13.93
C LEU A 288 17.23 -14.30 13.05
N LEU A 289 16.44 -15.11 12.35
CA LEU A 289 15.32 -14.61 11.56
C LEU A 289 14.18 -14.16 12.46
N GLU A 290 13.74 -12.93 12.23
CA GLU A 290 12.56 -12.33 12.86
C GLU A 290 11.31 -12.95 12.27
N GLU A 291 10.17 -12.66 12.89
CA GLU A 291 8.91 -13.11 12.29
C GLU A 291 8.83 -12.63 10.83
N VAL A 292 8.48 -13.55 9.96
CA VAL A 292 8.32 -13.29 8.54
C VAL A 292 7.15 -12.35 8.25
N VAL A 293 7.34 -11.42 7.32
CA VAL A 293 6.31 -10.48 6.94
C VAL A 293 5.80 -10.81 5.54
N VAL A 294 4.50 -10.94 5.44
CA VAL A 294 3.85 -11.17 4.17
C VAL A 294 2.99 -9.94 3.92
N LEU A 295 3.21 -9.29 2.80
CA LEU A 295 2.42 -8.09 2.47
C LEU A 295 1.17 -8.53 1.70
N GLU A 296 0.05 -8.45 2.38
CA GLU A 296 -1.25 -8.66 1.81
C GLU A 296 -1.51 -7.78 0.61
N GLY A 297 -1.98 -8.44 -0.46
CA GLY A 297 -2.43 -7.77 -1.66
C GLY A 297 -1.32 -7.32 -2.58
N ALA A 298 -0.07 -7.65 -2.25
CA ALA A 298 1.11 -7.31 -3.06
C ALA A 298 1.69 -8.50 -3.86
N ALA A 299 2.35 -8.17 -4.94
CA ALA A 299 3.04 -9.17 -5.75
C ALA A 299 4.59 -9.11 -5.60
N HIS A 300 5.33 -9.33 -6.65
CA HIS A 300 6.79 -9.43 -6.51
C HIS A 300 7.55 -8.15 -6.18
N PHE A 301 7.17 -7.02 -6.78
CA PHE A 301 8.05 -5.82 -6.85
C PHE A 301 7.71 -4.87 -5.70
N VAL A 302 7.85 -5.39 -4.50
CA VAL A 302 7.29 -4.80 -3.30
C VAL A 302 7.92 -3.42 -2.96
N SER A 303 9.17 -3.20 -3.33
CA SER A 303 9.78 -1.94 -2.97
C SER A 303 9.14 -0.78 -3.77
N GLN A 304 8.56 -1.08 -4.93
CA GLN A 304 7.96 -0.07 -5.76
C GLN A 304 6.45 -0.05 -5.62
N GLU A 305 5.86 -1.24 -5.38
CA GLU A 305 4.45 -1.40 -5.21
C GLU A 305 3.95 -0.95 -3.86
N ARG A 306 4.73 -1.23 -2.81
CA ARG A 306 4.34 -0.91 -1.46
C ARG A 306 5.51 -0.15 -0.83
N PRO A 307 5.82 1.02 -1.40
CA PRO A 307 7.07 1.70 -0.93
C PRO A 307 7.07 2.09 0.56
N HIS A 308 5.94 2.62 1.03
CA HIS A 308 5.86 3.05 2.40
C HIS A 308 6.04 1.87 3.31
N GLU A 309 5.41 0.74 2.99
CA GLU A 309 5.44 -0.42 3.91
C GLU A 309 6.90 -0.96 3.98
N ILE A 310 7.52 -1.09 2.82
CA ILE A 310 8.88 -1.57 2.76
C ILE A 310 9.85 -0.60 3.47
N SER A 311 9.74 0.71 3.16
CA SER A 311 10.64 1.70 3.73
C SER A 311 10.53 1.69 5.22
N LYS A 312 9.30 1.64 5.72
CA LYS A 312 9.13 1.65 7.15
C LYS A 312 9.57 0.34 7.81
N HIS A 313 9.28 -0.78 7.14
CA HIS A 313 9.77 -2.06 7.65
C HIS A 313 11.31 -2.02 7.77
N ILE A 314 11.98 -1.40 6.80
CA ILE A 314 13.42 -1.30 6.88
C ILE A 314 13.87 -0.44 8.06
N TYR A 315 13.30 0.75 8.16
CA TYR A 315 13.67 1.64 9.21
C TYR A 315 13.48 1.03 10.63
N ASP A 316 12.31 0.47 10.85
CA ASP A 316 11.97 -0.04 12.15
C ASP A 316 12.83 -1.20 12.53
N PHE A 317 13.28 -1.99 11.56
CA PHE A 317 14.20 -3.11 11.86
C PHE A 317 15.58 -2.57 12.21
N ILE A 318 16.10 -1.68 11.40
CA ILE A 318 17.52 -1.30 11.60
C ILE A 318 17.67 -0.45 12.85
N GLN A 319 16.58 0.25 13.21
CA GLN A 319 16.54 0.98 14.49
C GLN A 319 16.69 0.07 15.74
N LYS A 320 16.41 -1.21 15.62
CA LYS A 320 16.59 -2.17 16.72
C LYS A 320 18.06 -2.37 17.17
N PHE A 321 18.99 -1.98 16.30
CA PHE A 321 20.41 -2.25 16.48
C PHE A 321 21.17 -1.08 17.05
N THR A 322 20.48 -0.12 17.70
CA THR A 322 21.11 1.05 18.34
C THR A 322 20.50 1.38 19.70
N LYS B 3 -31.17 30.04 0.78
CA LYS B 3 -30.02 29.51 1.56
C LYS B 3 -30.31 28.26 2.37
N ILE B 4 -29.23 27.63 2.81
CA ILE B 4 -29.28 26.37 3.58
C ILE B 4 -30.05 26.61 4.88
N GLU B 5 -31.02 25.78 5.17
CA GLU B 5 -31.77 25.82 6.41
C GLU B 5 -31.23 24.87 7.46
N HIS B 6 -31.16 25.35 8.70
CA HIS B 6 -30.69 24.56 9.82
C HIS B 6 -31.75 24.29 10.83
N LYS B 7 -31.67 23.10 11.38
CA LYS B 7 -32.64 22.79 12.38
C LYS B 7 -32.19 21.69 13.30
N MET B 8 -32.89 21.55 14.43
CA MET B 8 -32.60 20.49 15.42
C MET B 8 -33.77 19.51 15.40
N VAL B 9 -33.45 18.24 15.25
CA VAL B 9 -34.41 17.16 15.07
C VAL B 9 -34.16 16.09 16.14
N ALA B 10 -35.23 15.63 16.80
CA ALA B 10 -35.15 14.47 17.71
C ALA B 10 -34.92 13.16 16.91
N VAL B 11 -33.77 12.54 17.14
CA VAL B 11 -33.34 11.39 16.35
C VAL B 11 -32.62 10.35 17.24
N ASN B 12 -33.29 9.22 17.46
CA ASN B 12 -32.70 8.09 18.16
C ASN B 12 -32.08 8.49 19.48
N GLY B 13 -32.76 9.37 20.23
CA GLY B 13 -32.31 9.80 21.55
C GLY B 13 -31.34 10.99 21.52
N LEU B 14 -30.99 11.46 20.32
CA LEU B 14 -30.07 12.61 20.11
C LEU B 14 -30.84 13.85 19.74
N ASN B 15 -30.27 15.00 19.98
CA ASN B 15 -30.74 16.24 19.38
C ASN B 15 -29.83 16.50 18.19
N MET B 16 -30.31 16.17 16.99
CA MET B 16 -29.48 16.18 15.84
C MET B 16 -29.64 17.44 15.02
N HIS B 17 -28.48 18.01 14.69
CA HIS B 17 -28.43 19.13 13.77
C HIS B 17 -28.50 18.63 12.32
N LEU B 18 -29.42 19.21 11.57
CA LEU B 18 -29.64 18.93 10.16
C LEU B 18 -29.57 20.22 9.36
N ALA B 19 -28.83 20.17 8.28
CA ALA B 19 -28.81 21.21 7.27
C ALA B 19 -29.52 20.72 6.05
N GLU B 20 -30.29 21.60 5.45
CA GLU B 20 -31.01 21.22 4.24
C GLU B 20 -31.23 22.33 3.24
N LEU B 21 -31.35 21.90 2.00
CA LEU B 21 -31.48 22.79 0.87
C LEU B 21 -32.15 22.06 -0.27
N GLY B 22 -33.08 22.72 -0.91
CA GLY B 22 -33.74 22.18 -2.10
C GLY B 22 -35.09 21.54 -1.86
N GLU B 23 -35.79 21.27 -2.96
CA GLU B 23 -37.08 20.53 -2.95
C GLU B 23 -36.98 19.49 -4.04
N GLY B 24 -37.71 18.39 -3.80
CA GLY B 24 -37.69 17.22 -4.65
C GLY B 24 -37.29 15.98 -3.88
N PRO B 25 -36.95 14.90 -4.59
CA PRO B 25 -36.57 13.65 -3.91
C PRO B 25 -35.40 13.89 -2.95
N THR B 26 -35.47 13.26 -1.76
CA THR B 26 -34.45 13.39 -0.76
C THR B 26 -33.14 12.68 -1.15
N ILE B 27 -32.04 13.40 -0.96
CA ILE B 27 -30.72 12.84 -0.95
C ILE B 27 -30.11 13.10 0.41
N LEU B 28 -29.84 12.00 1.15
CA LEU B 28 -29.16 12.07 2.43
C LEU B 28 -27.65 11.95 2.24
N PHE B 29 -26.93 12.97 2.75
CA PHE B 29 -25.46 13.01 2.73
C PHE B 29 -24.89 12.77 4.12
N ILE B 30 -23.96 11.80 4.19
CA ILE B 30 -23.38 11.31 5.44
C ILE B 30 -21.87 11.55 5.49
N HIS B 31 -21.44 12.50 6.32
CA HIS B 31 -20.04 12.89 6.41
C HIS B 31 -19.17 11.93 7.10
N GLY B 32 -17.90 12.24 7.10
CA GLY B 32 -16.92 11.38 7.74
C GLY B 32 -16.08 12.05 8.81
N PHE B 33 -14.87 11.51 8.98
CA PHE B 33 -13.95 11.92 10.02
C PHE B 33 -12.81 12.77 9.46
N PRO B 34 -12.46 13.86 10.16
CA PRO B 34 -13.10 14.57 11.27
C PRO B 34 -13.88 15.77 10.64
N GLU B 35 -15.05 15.49 10.13
CA GLU B 35 -15.80 16.43 9.29
C GLU B 35 -17.12 16.85 9.92
N LEU B 36 -18.01 17.50 9.15
CA LEU B 36 -19.27 18.01 9.62
C LEU B 36 -20.22 17.97 8.41
N TRP B 37 -21.47 18.30 8.63
CA TRP B 37 -22.44 18.45 7.55
C TRP B 37 -21.86 19.31 6.42
N TYR B 38 -21.08 20.30 6.86
CA TYR B 38 -20.54 21.40 6.03
C TYR B 38 -19.63 20.90 4.90
N SER B 39 -19.13 19.68 5.03
CA SER B 39 -18.29 19.08 3.98
C SER B 39 -19.08 18.86 2.67
N TRP B 40 -20.39 18.85 2.77
CA TRP B 40 -21.23 18.62 1.61
C TRP B 40 -21.71 19.90 0.98
N ARG B 41 -21.24 21.07 1.49
CA ARG B 41 -21.70 22.39 1.00
C ARG B 41 -21.87 22.46 -0.51
N HIS B 42 -20.90 21.96 -1.29
CA HIS B 42 -20.94 22.13 -2.75
C HIS B 42 -21.97 21.24 -3.40
N GLN B 43 -22.08 20.01 -2.90
CA GLN B 43 -23.02 19.06 -3.46
C GLN B 43 -24.45 19.45 -3.12
N MET B 44 -24.66 19.97 -1.91
CA MET B 44 -26.00 20.50 -1.58
C MET B 44 -26.51 21.52 -2.61
N VAL B 45 -25.67 22.49 -2.93
CA VAL B 45 -26.03 23.57 -3.82
C VAL B 45 -26.26 22.97 -5.20
N TYR B 46 -25.29 22.18 -5.69
CA TYR B 46 -25.36 21.61 -7.03
C TYR B 46 -26.62 20.77 -7.22
N LEU B 47 -26.85 19.82 -6.33
CA LEU B 47 -28.04 18.98 -6.43
C LEU B 47 -29.38 19.71 -6.16
N ALA B 48 -29.40 20.63 -5.21
CA ALA B 48 -30.60 21.46 -5.02
C ALA B 48 -30.97 22.27 -6.29
N GLU B 49 -29.97 22.84 -6.97
CA GLU B 49 -30.26 23.61 -8.20
C GLU B 49 -30.83 22.69 -9.26
N ARG B 50 -30.64 21.40 -9.12
CA ARG B 50 -31.13 20.44 -10.10
C ARG B 50 -32.34 19.61 -9.63
N GLY B 51 -33.07 20.12 -8.64
CA GLY B 51 -34.42 19.61 -8.32
C GLY B 51 -34.42 18.49 -7.29
N TYR B 52 -33.41 18.44 -6.45
CA TYR B 52 -33.40 17.48 -5.35
C TYR B 52 -33.40 18.20 -4.01
N ARG B 53 -33.84 17.49 -2.98
CA ARG B 53 -33.76 17.99 -1.61
C ARG B 53 -32.53 17.38 -0.91
N ALA B 54 -31.53 18.22 -0.68
CA ALA B 54 -30.31 17.79 0.01
C ALA B 54 -30.43 17.93 1.50
N VAL B 55 -30.14 16.86 2.23
CA VAL B 55 -30.17 16.86 3.68
C VAL B 55 -28.88 16.30 4.19
N ALA B 56 -28.27 17.02 5.09
CA ALA B 56 -26.98 16.61 5.65
C ALA B 56 -26.90 16.86 7.14
N PRO B 57 -26.81 15.81 7.95
CA PRO B 57 -26.68 16.08 9.37
C PRO B 57 -25.23 16.17 9.91
N ASP B 58 -25.09 16.72 11.10
CA ASP B 58 -23.94 16.44 11.96
C ASP B 58 -24.26 15.10 12.61
N LEU B 59 -23.37 14.14 12.45
CA LEU B 59 -23.58 12.80 12.98
C LEU B 59 -23.43 12.81 14.51
N ARG B 60 -23.81 11.71 15.11
CA ARG B 60 -23.51 11.47 16.56
C ARG B 60 -22.05 11.85 16.90
N GLY B 61 -21.85 12.62 17.96
CA GLY B 61 -20.54 13.00 18.47
C GLY B 61 -19.86 14.17 17.72
N TYR B 62 -20.53 14.72 16.69
CA TYR B 62 -20.04 15.79 15.89
C TYR B 62 -20.87 17.07 16.01
N GLY B 63 -20.14 18.18 15.96
CA GLY B 63 -20.76 19.42 15.63
C GLY B 63 -21.79 19.83 16.71
N ASP B 64 -22.98 20.18 16.21
CA ASP B 64 -24.08 20.58 17.06
C ASP B 64 -25.03 19.45 17.42
N THR B 65 -24.69 18.21 17.07
CA THR B 65 -25.49 17.07 17.48
C THR B 65 -25.10 16.57 18.88
N THR B 66 -26.09 16.46 19.76
CA THR B 66 -25.86 16.11 21.14
C THR B 66 -26.65 14.91 21.63
N GLY B 67 -26.16 14.31 22.70
CA GLY B 67 -26.91 13.36 23.54
C GLY B 67 -26.25 11.99 23.68
N ALA B 68 -25.09 11.76 23.07
CA ALA B 68 -24.37 10.49 23.24
C ALA B 68 -23.22 10.75 24.22
N PRO B 69 -23.05 9.91 25.29
CA PRO B 69 -21.97 10.16 26.28
C PRO B 69 -20.57 9.96 25.67
N LEU B 70 -19.79 11.04 25.63
CA LEU B 70 -18.44 11.01 25.11
C LEU B 70 -17.54 10.03 25.82
N ASN B 71 -17.77 9.74 27.09
CA ASN B 71 -16.85 8.83 27.76
C ASN B 71 -17.19 7.33 27.59
N ASP B 72 -18.12 7.00 26.69
CA ASP B 72 -18.55 5.59 26.48
C ASP B 72 -18.60 5.29 24.99
N PRO B 73 -17.43 4.89 24.43
CA PRO B 73 -17.32 4.61 23.02
C PRO B 73 -18.23 3.50 22.57
N SER B 74 -18.75 2.66 23.48
CA SER B 74 -19.72 1.61 23.06
C SER B 74 -20.99 2.20 22.48
N LYS B 75 -21.27 3.47 22.81
CA LYS B 75 -22.45 4.19 22.30
C LYS B 75 -22.25 4.80 20.92
N PHE B 76 -21.08 4.52 20.32
CA PHE B 76 -20.70 4.97 18.99
C PHE B 76 -20.48 3.79 18.03
N SER B 77 -21.06 2.65 18.38
CA SER B 77 -21.06 1.47 17.50
C SER B 77 -21.82 1.71 16.17
N ILE B 78 -21.51 0.84 15.24
CA ILE B 78 -22.08 0.92 13.89
C ILE B 78 -23.60 0.73 13.98
N LEU B 79 -24.07 -0.05 14.95
CA LEU B 79 -25.52 -0.22 15.18
C LEU B 79 -26.19 1.08 15.68
N HIS B 80 -25.55 1.79 16.60
CA HIS B 80 -26.07 3.09 17.06
C HIS B 80 -26.12 4.05 15.87
N LEU B 81 -25.04 4.03 15.07
CA LEU B 81 -24.92 4.98 13.96
C LEU B 81 -25.95 4.75 12.85
N VAL B 82 -26.17 3.49 12.45
CA VAL B 82 -27.21 3.15 11.51
C VAL B 82 -28.58 3.48 12.09
N GLY B 83 -28.78 3.21 13.38
CA GLY B 83 -30.07 3.57 14.04
C GLY B 83 -30.36 5.09 13.92
N ASP B 84 -29.34 5.91 14.08
CA ASP B 84 -29.46 7.35 13.91
C ASP B 84 -30.00 7.68 12.54
N VAL B 85 -29.41 7.09 11.54
CA VAL B 85 -29.78 7.41 10.18
C VAL B 85 -31.21 6.94 9.88
N VAL B 86 -31.57 5.74 10.35
CA VAL B 86 -32.92 5.21 10.14
C VAL B 86 -33.95 6.15 10.79
N ALA B 87 -33.68 6.55 12.03
CA ALA B 87 -34.56 7.43 12.74
C ALA B 87 -34.62 8.77 12.11
N LEU B 88 -33.50 9.23 11.55
CA LEU B 88 -33.46 10.50 10.90
C LEU B 88 -34.39 10.49 9.68
N LEU B 89 -34.28 9.44 8.87
CA LEU B 89 -35.16 9.33 7.73
C LEU B 89 -36.67 9.27 8.12
N GLU B 90 -36.98 8.57 9.22
CA GLU B 90 -38.35 8.48 9.72
C GLU B 90 -38.82 9.89 10.09
N ALA B 91 -37.93 10.69 10.69
CA ALA B 91 -38.33 12.02 11.13
C ALA B 91 -38.45 13.01 9.96
N ILE B 92 -37.55 12.96 9.01
CA ILE B 92 -37.50 14.02 7.99
C ILE B 92 -37.97 13.62 6.61
N ALA B 93 -38.16 12.32 6.35
CA ALA B 93 -38.63 11.85 5.06
C ALA B 93 -39.71 10.78 5.26
N PRO B 94 -40.70 11.11 6.08
CA PRO B 94 -41.72 10.13 6.43
C PRO B 94 -42.50 9.55 5.26
N ASN B 95 -42.65 10.29 4.17
CA ASN B 95 -43.45 9.78 3.05
C ASN B 95 -42.66 9.34 1.83
N GLU B 96 -41.37 9.10 2.00
CA GLU B 96 -40.56 8.49 0.95
C GLU B 96 -40.14 7.14 1.49
N GLU B 97 -40.69 6.12 0.86
CA GLU B 97 -40.26 4.75 1.00
C GLU B 97 -38.71 4.58 0.96
N LYS B 98 -38.12 5.11 -0.11
CA LYS B 98 -36.70 4.99 -0.36
C LYS B 98 -36.12 6.34 -0.68
N VAL B 99 -34.89 6.59 -0.23
CA VAL B 99 -34.17 7.81 -0.63
C VAL B 99 -32.82 7.51 -1.28
N PHE B 100 -32.18 8.56 -1.79
CA PHE B 100 -30.79 8.41 -2.27
C PHE B 100 -29.90 8.68 -1.14
N VAL B 101 -28.79 7.96 -1.07
CA VAL B 101 -27.77 8.14 -0.08
C VAL B 101 -26.38 8.35 -0.73
N VAL B 102 -25.72 9.42 -0.26
CA VAL B 102 -24.40 9.77 -0.64
C VAL B 102 -23.58 9.85 0.65
N ALA B 103 -22.43 9.17 0.68
CA ALA B 103 -21.64 9.13 1.90
C ALA B 103 -20.15 9.03 1.67
N HIS B 104 -19.40 9.39 2.72
CA HIS B 104 -17.97 9.48 2.64
C HIS B 104 -17.31 9.03 3.92
N ASP B 105 -16.27 8.22 3.78
CA ASP B 105 -15.39 7.88 4.92
C ASP B 105 -16.19 7.07 5.98
N TRP B 106 -16.17 7.44 7.27
CA TRP B 106 -17.05 6.82 8.26
C TRP B 106 -18.52 6.86 7.85
N GLY B 107 -18.92 7.93 7.15
CA GLY B 107 -20.27 7.97 6.68
C GLY B 107 -20.53 6.85 5.70
N ALA B 108 -19.53 6.52 4.87
CA ALA B 108 -19.69 5.44 3.93
C ALA B 108 -19.78 4.12 4.65
N LEU B 109 -19.04 3.96 5.74
CA LEU B 109 -19.18 2.71 6.52
C LEU B 109 -20.60 2.55 7.09
N ILE B 110 -21.12 3.65 7.60
CA ILE B 110 -22.51 3.74 7.99
C ILE B 110 -23.46 3.38 6.85
N ALA B 111 -23.23 3.96 5.67
CA ALA B 111 -24.07 3.70 4.54
C ALA B 111 -24.02 2.25 4.07
N TRP B 112 -22.85 1.61 4.07
CA TRP B 112 -22.80 0.24 3.71
C TRP B 112 -23.71 -0.55 4.64
N HIS B 113 -23.63 -0.27 5.94
CA HIS B 113 -24.43 -1.05 6.88
C HIS B 113 -25.93 -0.68 6.82
N LEU B 114 -26.25 0.57 6.54
CA LEU B 114 -27.63 0.94 6.28
C LEU B 114 -28.21 0.10 5.11
N CYS B 115 -27.45 0.04 4.02
CA CYS B 115 -27.84 -0.75 2.87
C CYS B 115 -27.94 -2.22 3.14
N LEU B 116 -27.04 -2.76 3.92
CA LEU B 116 -27.12 -4.16 4.29
C LEU B 116 -28.31 -4.47 5.19
N PHE B 117 -28.54 -3.67 6.22
CA PHE B 117 -29.60 -3.91 7.19
C PHE B 117 -30.98 -3.51 6.61
N ARG B 118 -31.06 -2.38 5.91
CA ARG B 118 -32.32 -1.81 5.48
C ARG B 118 -32.27 -1.41 4.04
N PRO B 119 -32.09 -2.39 3.15
CA PRO B 119 -32.12 -2.07 1.73
C PRO B 119 -33.46 -1.52 1.26
N ASP B 120 -34.52 -1.77 2.04
CA ASP B 120 -35.84 -1.21 1.76
C ASP B 120 -35.93 0.30 1.86
N LYS B 121 -34.91 0.93 2.44
CA LYS B 121 -34.92 2.38 2.65
C LYS B 121 -34.11 3.16 1.59
N VAL B 122 -33.31 2.47 0.81
CA VAL B 122 -32.33 3.16 -0.06
C VAL B 122 -32.58 2.86 -1.54
N LYS B 123 -32.80 3.90 -2.35
CA LYS B 123 -32.97 3.72 -3.80
C LYS B 123 -31.66 3.34 -4.46
N ALA B 124 -30.62 4.10 -4.13
CA ALA B 124 -29.30 3.93 -4.72
C ALA B 124 -28.30 4.64 -3.87
N LEU B 125 -27.05 4.19 -3.94
CA LEU B 125 -25.99 4.61 -3.06
C LEU B 125 -24.74 5.10 -3.86
N VAL B 126 -24.23 6.28 -3.47
CA VAL B 126 -22.96 6.74 -3.89
C VAL B 126 -22.08 6.79 -2.68
N ASN B 127 -21.09 5.93 -2.66
CA ASN B 127 -20.16 5.90 -1.58
C ASN B 127 -18.77 6.39 -2.01
N LEU B 128 -18.18 7.24 -1.18
CA LEU B 128 -16.85 7.79 -1.45
C LEU B 128 -15.83 7.33 -0.44
N SER B 129 -14.64 7.04 -0.95
CA SER B 129 -13.43 6.70 -0.16
C SER B 129 -13.40 5.30 0.43
N VAL B 130 -14.40 4.91 1.20
CA VAL B 130 -14.36 3.63 1.96
C VAL B 130 -15.16 2.55 1.27
N HIS B 131 -14.44 1.59 0.70
CA HIS B 131 -15.00 0.42 0.05
C HIS B 131 -15.68 -0.50 1.10
N PHE B 132 -16.52 -1.42 0.67
CA PHE B 132 -17.17 -2.36 1.57
C PHE B 132 -16.08 -3.08 2.33
N SER B 133 -16.22 -3.19 3.64
CA SER B 133 -15.24 -3.93 4.47
C SER B 133 -15.84 -5.29 4.86
N LYS B 134 -15.42 -6.31 4.14
CA LYS B 134 -15.88 -7.65 4.44
C LYS B 134 -15.40 -8.08 5.82
N ARG B 135 -16.28 -8.66 6.63
CA ARG B 135 -15.91 -9.01 7.98
C ARG B 135 -14.88 -10.13 7.96
N ASN B 136 -13.77 -9.94 8.63
CA ASN B 136 -12.78 -11.01 8.72
C ASN B 136 -13.06 -11.86 9.94
N PRO B 137 -13.37 -13.16 9.73
CA PRO B 137 -13.73 -14.02 10.87
C PRO B 137 -12.63 -14.19 11.90
N LYS B 138 -11.40 -13.81 11.59
CA LYS B 138 -10.26 -14.02 12.48
C LYS B 138 -9.89 -12.89 13.43
N MET B 139 -10.16 -11.64 13.07
CA MET B 139 -9.71 -10.53 13.88
C MET B 139 -10.43 -9.25 13.48
N ASN B 140 -10.51 -8.34 14.44
CA ASN B 140 -11.08 -7.01 14.21
C ASN B 140 -10.11 -6.04 13.47
N LYS B 141 -10.59 -4.89 13.05
CA LYS B 141 -9.83 -3.99 12.16
C LYS B 141 -8.68 -3.28 12.89
N VAL B 142 -8.86 -3.06 14.19
CA VAL B 142 -7.84 -2.47 15.03
C VAL B 142 -6.65 -3.43 15.13
N GLU B 143 -6.91 -4.67 15.54
CA GLU B 143 -5.90 -5.71 15.62
C GLU B 143 -5.20 -5.88 14.27
N GLY B 144 -5.99 -5.92 13.19
CA GLY B 144 -5.48 -6.06 11.81
C GLY B 144 -4.49 -4.95 11.40
N LEU B 145 -4.89 -3.69 11.65
CA LEU B 145 -4.06 -2.52 11.28
C LEU B 145 -2.84 -2.34 12.20
N LYS B 146 -2.97 -2.65 13.49
CA LYS B 146 -1.82 -2.63 14.40
C LYS B 146 -0.78 -3.68 14.04
N ALA B 147 -1.25 -4.86 13.65
CA ALA B 147 -0.33 -5.93 13.29
C ALA B 147 0.60 -5.48 12.15
N ILE B 148 0.01 -4.77 11.20
CA ILE B 148 0.73 -4.34 10.02
C ILE B 148 1.61 -3.12 10.27
N TYR B 149 1.07 -2.12 10.96
CA TYR B 149 1.66 -0.77 11.02
C TYR B 149 2.22 -0.36 12.35
N GLY B 150 1.92 -1.14 13.37
CA GLY B 150 2.48 -0.93 14.68
C GLY B 150 1.74 0.12 15.46
N GLU B 151 2.27 0.42 16.65
CA GLU B 151 1.51 1.15 17.66
C GLU B 151 1.33 2.65 17.38
N ASP B 152 2.09 3.27 16.48
CA ASP B 152 1.89 4.70 16.19
C ASP B 152 0.87 4.97 15.08
N HIS B 153 0.41 3.92 14.42
CA HIS B 153 -0.65 4.06 13.45
C HIS B 153 -1.84 4.75 14.11
N TYR B 154 -2.47 5.65 13.41
CA TYR B 154 -3.57 6.47 14.02
C TYR B 154 -4.71 5.67 14.61
N VAL B 155 -5.12 4.60 13.95
CA VAL B 155 -6.20 3.76 14.46
C VAL B 155 -5.81 3.17 15.84
N SER B 156 -4.56 2.75 15.98
CA SER B 156 -4.12 2.19 17.23
C SER B 156 -3.97 3.33 18.26
N ARG B 157 -3.39 4.45 17.87
CA ARG B 157 -3.20 5.54 18.83
C ARG B 157 -4.53 6.10 19.33
N PHE B 158 -5.56 6.02 18.50
CA PHE B 158 -6.90 6.52 18.87
C PHE B 158 -7.61 5.66 19.95
N GLN B 159 -7.08 4.47 20.31
CA GLN B 159 -7.83 3.53 21.11
C GLN B 159 -7.97 3.92 22.57
N VAL B 160 -6.87 4.20 23.25
CA VAL B 160 -6.97 4.43 24.69
C VAL B 160 -7.60 5.79 24.97
N PRO B 161 -8.73 5.84 25.69
CA PRO B 161 -9.45 7.10 25.87
C PRO B 161 -8.62 8.17 26.53
N GLY B 162 -8.64 9.40 26.00
CA GLY B 162 -7.84 10.47 26.58
C GLY B 162 -6.46 10.69 25.98
N GLU B 163 -5.90 9.65 25.34
CA GLU B 163 -4.52 9.76 24.85
C GLU B 163 -4.41 10.74 23.73
N ILE B 164 -5.15 10.48 22.65
CA ILE B 164 -5.06 11.36 21.50
C ILE B 164 -5.63 12.76 21.86
N GLU B 165 -6.65 12.77 22.72
CA GLU B 165 -7.19 14.09 23.14
C GLU B 165 -6.08 14.94 23.76
N ALA B 166 -5.27 14.31 24.60
CA ALA B 166 -4.21 15.03 25.33
C ALA B 166 -3.13 15.49 24.35
N GLU B 167 -2.85 14.65 23.36
CA GLU B 167 -1.89 15.00 22.34
C GLU B 167 -2.36 16.25 21.62
N PHE B 168 -3.62 16.25 21.23
CA PHE B 168 -4.17 17.40 20.47
C PHE B 168 -4.41 18.68 21.29
N ALA B 169 -4.64 18.54 22.59
CA ALA B 169 -4.98 19.70 23.43
C ALA B 169 -4.09 20.95 23.25
N PRO B 170 -2.75 20.81 23.35
CA PRO B 170 -1.91 22.02 23.20
C PRO B 170 -1.78 22.53 21.78
N ILE B 171 -2.09 21.67 20.80
CA ILE B 171 -2.01 22.02 19.38
C ILE B 171 -3.17 22.85 18.92
N GLY B 172 -4.38 22.55 19.41
CA GLY B 172 -5.56 23.28 19.00
C GLY B 172 -6.22 22.64 17.79
N ALA B 173 -7.54 22.77 17.72
CA ALA B 173 -8.32 22.14 16.69
C ALA B 173 -7.94 22.62 15.32
N LYS B 174 -7.68 23.92 15.20
CA LYS B 174 -7.45 24.46 13.86
C LYS B 174 -6.25 23.77 13.21
N SER B 175 -5.16 23.65 13.96
CA SER B 175 -3.95 23.05 13.40
C SER B 175 -4.08 21.58 13.13
N VAL B 176 -4.80 20.90 13.99
CA VAL B 176 -5.08 19.46 13.82
C VAL B 176 -5.90 19.27 12.56
N LEU B 177 -6.96 20.06 12.46
CA LEU B 177 -7.80 19.99 11.27
C LEU B 177 -7.10 20.34 9.95
N LYS B 178 -6.30 21.39 9.99
CA LYS B 178 -5.58 21.80 8.80
C LYS B 178 -4.68 20.67 8.35
N LYS B 179 -4.01 20.05 9.30
CA LYS B 179 -3.05 19.04 8.99
C LYS B 179 -3.71 17.84 8.33
N ILE B 180 -4.86 17.48 8.88
CA ILE B 180 -5.61 16.31 8.39
C ILE B 180 -6.30 16.60 7.09
N LEU B 181 -6.99 17.72 7.01
CA LEU B 181 -7.80 18.05 5.84
C LEU B 181 -6.93 18.22 4.57
N THR B 182 -5.71 18.76 4.76
CA THR B 182 -4.82 18.99 3.64
C THR B 182 -3.82 17.84 3.38
N TYR B 183 -3.90 16.74 4.14
CA TYR B 183 -3.02 15.62 3.96
C TYR B 183 -3.21 14.99 2.56
N ARG B 184 -2.12 14.55 1.94
CA ARG B 184 -2.20 13.97 0.59
C ARG B 184 -1.40 12.71 0.36
N ASP B 185 -0.60 12.29 1.34
CA ASP B 185 0.28 11.13 1.15
C ASP B 185 -0.53 9.89 1.26
N PRO B 186 -0.21 8.87 0.45
CA PRO B 186 -1.01 7.66 0.61
C PRO B 186 -0.73 6.83 1.86
N ALA B 187 0.30 7.13 2.64
CA ALA B 187 0.60 6.40 3.86
C ALA B 187 -0.45 6.74 4.94
N PRO B 188 -0.63 5.83 5.88
CA PRO B 188 -1.53 6.14 6.96
C PRO B 188 -0.95 7.26 7.85
N PHE B 189 -1.80 7.97 8.58
CA PHE B 189 -1.35 8.91 9.60
C PHE B 189 -0.65 8.18 10.74
N TYR B 190 0.41 8.81 11.32
CA TYR B 190 1.04 8.29 12.51
C TYR B 190 1.00 9.41 13.53
N PHE B 191 0.73 9.03 14.78
CA PHE B 191 0.68 9.97 15.89
C PHE B 191 1.50 9.40 17.05
N PRO B 192 2.85 9.44 16.92
CA PRO B 192 3.71 9.02 18.03
C PRO B 192 3.51 9.94 19.25
N LYS B 193 3.42 9.29 20.41
CA LYS B 193 3.27 9.94 21.66
C LYS B 193 4.21 11.11 21.86
N GLY B 194 3.63 12.27 22.10
CA GLY B 194 4.43 13.44 22.39
C GLY B 194 5.01 14.13 21.17
N LYS B 195 4.75 13.64 19.95
CA LYS B 195 5.30 14.25 18.76
C LYS B 195 4.28 15.09 18.00
N GLY B 196 3.08 15.20 18.54
CA GLY B 196 2.09 16.09 18.01
C GLY B 196 1.80 15.72 16.57
N LEU B 197 1.96 16.71 15.70
CA LEU B 197 1.69 16.52 14.27
C LEU B 197 2.98 16.33 13.43
N GLU B 198 4.12 16.13 14.09
CA GLU B 198 5.42 16.07 13.43
C GLU B 198 5.62 14.90 12.48
N ALA B 199 4.89 13.82 12.65
CA ALA B 199 5.08 12.68 11.75
C ALA B 199 4.24 12.80 10.49
N ILE B 200 3.49 13.87 10.31
CA ILE B 200 2.60 13.96 9.15
C ILE B 200 3.18 14.98 8.16
N PRO B 201 3.44 14.57 6.92
CA PRO B 201 3.97 15.53 5.97
C PRO B 201 2.96 16.63 5.49
N ASP B 202 3.51 17.76 5.03
CA ASP B 202 2.79 18.88 4.44
C ASP B 202 2.90 18.85 2.91
N ALA B 203 1.79 18.96 2.20
CA ALA B 203 1.79 19.09 0.75
C ALA B 203 1.92 20.56 0.39
N PRO B 204 2.37 20.87 -0.82
CA PRO B 204 2.37 22.27 -1.27
C PRO B 204 1.01 22.88 -1.10
N VAL B 205 0.97 24.13 -0.64
CA VAL B 205 -0.31 24.77 -0.33
C VAL B 205 -1.25 24.88 -1.55
N ALA B 206 -0.73 25.02 -2.76
CA ALA B 206 -1.63 25.13 -3.96
C ALA B 206 -2.57 23.93 -4.07
N LEU B 207 -2.12 22.79 -3.58
CA LEU B 207 -2.90 21.57 -3.68
C LEU B 207 -4.10 21.54 -2.76
N SER B 208 -4.11 22.42 -1.75
CA SER B 208 -5.29 22.64 -0.90
C SER B 208 -5.96 23.98 -1.11
N SER B 209 -5.87 24.53 -2.30
CA SER B 209 -6.52 25.81 -2.60
C SER B 209 -8.01 25.63 -2.56
N TRP B 210 -8.46 24.35 -2.57
CA TRP B 210 -9.89 24.05 -2.45
C TRP B 210 -10.41 24.37 -1.06
N LEU B 211 -9.53 24.51 -0.07
CA LEU B 211 -9.93 24.79 1.29
C LEU B 211 -9.52 26.21 1.63
N SER B 212 -10.48 27.13 1.72
CA SER B 212 -10.17 28.50 2.10
C SER B 212 -10.01 28.61 3.59
N GLU B 213 -9.40 29.70 4.01
CA GLU B 213 -9.20 29.97 5.43
C GLU B 213 -10.57 30.03 6.13
N GLU B 214 -11.57 30.59 5.47
CA GLU B 214 -12.89 30.72 6.05
C GLU B 214 -13.52 29.34 6.29
N GLU B 215 -13.37 28.45 5.31
CA GLU B 215 -13.89 27.07 5.37
C GLU B 215 -13.15 26.29 6.47
N LEU B 216 -11.83 26.44 6.56
CA LEU B 216 -11.06 25.85 7.67
C LEU B 216 -11.54 26.36 9.01
N ASP B 217 -11.79 27.67 9.12
CA ASP B 217 -12.26 28.21 10.38
C ASP B 217 -13.65 27.70 10.76
N TYR B 218 -14.51 27.39 9.79
CA TYR B 218 -15.82 26.84 10.10
C TYR B 218 -15.68 25.49 10.88
N TYR B 219 -14.84 24.60 10.39
CA TYR B 219 -14.50 23.35 11.08
C TYR B 219 -13.82 23.60 12.43
N ALA B 220 -12.79 24.44 12.44
CA ALA B 220 -11.99 24.71 13.68
C ALA B 220 -12.84 25.25 14.79
N ASN B 221 -13.68 26.24 14.48
CA ASN B 221 -14.52 26.87 15.47
C ASN B 221 -15.44 25.84 16.12
N LYS B 222 -15.93 24.90 15.33
CA LYS B 222 -16.80 23.90 15.86
C LYS B 222 -16.04 22.86 16.70
N PHE B 223 -14.93 22.33 16.17
CA PHE B 223 -14.16 21.33 16.94
C PHE B 223 -13.48 21.91 18.18
N GLU B 224 -13.25 23.21 18.17
CA GLU B 224 -12.81 23.88 19.43
C GLU B 224 -13.85 23.72 20.55
N GLN B 225 -15.11 23.81 20.19
CA GLN B 225 -16.20 23.64 21.15
C GLN B 225 -16.39 22.16 21.55
N THR B 226 -16.38 21.28 20.58
CA THR B 226 -16.69 19.87 20.90
C THR B 226 -15.47 19.06 21.38
N GLY B 227 -14.28 19.43 20.99
CA GLY B 227 -13.15 18.50 20.98
C GLY B 227 -13.38 17.33 20.03
N PHE B 228 -12.49 16.35 20.12
CA PHE B 228 -12.42 15.28 19.16
C PHE B 228 -12.93 13.92 19.63
N THR B 229 -13.34 13.83 20.90
CA THR B 229 -13.69 12.57 21.49
C THR B 229 -14.84 11.91 20.74
N GLY B 230 -15.88 12.68 20.44
CA GLY B 230 -17.02 12.12 19.75
C GLY B 230 -16.62 11.46 18.44
N ALA B 231 -15.81 12.18 17.71
CA ALA B 231 -15.33 11.70 16.41
C ALA B 231 -14.44 10.44 16.54
N VAL B 232 -13.48 10.49 17.47
CA VAL B 232 -12.53 9.44 17.68
C VAL B 232 -13.14 8.20 18.23
N ASN B 233 -14.20 8.37 19.00
CA ASN B 233 -14.97 7.25 19.49
C ASN B 233 -15.45 6.28 18.44
N TYR B 234 -15.68 6.72 17.19
CA TYR B 234 -16.07 5.78 16.14
C TYR B 234 -14.99 4.66 15.96
N TYR B 235 -13.72 5.05 16.04
CA TYR B 235 -12.60 4.10 15.93
C TYR B 235 -12.53 3.21 17.17
N ARG B 236 -12.83 3.81 18.32
CA ARG B 236 -12.76 3.07 19.60
C ARG B 236 -13.83 1.97 19.61
N ALA B 237 -14.88 2.14 18.82
CA ALA B 237 -15.95 1.16 18.75
C ALA B 237 -15.67 0.08 17.71
N LEU B 238 -14.56 0.18 17.01
CA LEU B 238 -14.25 -0.86 15.99
C LEU B 238 -14.25 -2.30 16.56
N PRO B 239 -13.65 -2.56 17.72
CA PRO B 239 -13.72 -3.91 18.25
C PRO B 239 -15.15 -4.41 18.53
N ILE B 240 -15.98 -3.58 19.14
CA ILE B 240 -17.36 -3.98 19.35
C ILE B 240 -18.13 -4.17 18.04
N ASN B 241 -17.87 -3.33 17.04
CA ASN B 241 -18.55 -3.47 15.77
C ASN B 241 -18.32 -4.83 15.18
N TRP B 242 -17.07 -5.28 15.25
CA TRP B 242 -16.76 -6.59 14.78
C TRP B 242 -17.65 -7.69 15.43
N GLU B 243 -17.81 -7.62 16.74
CA GLU B 243 -18.60 -8.65 17.47
C GLU B 243 -20.08 -8.60 17.04
N LEU B 244 -20.56 -7.39 16.91
CA LEU B 244 -21.99 -7.13 16.71
C LEU B 244 -22.44 -7.44 15.28
N THR B 245 -21.48 -7.48 14.36
CA THR B 245 -21.83 -7.74 12.94
C THR B 245 -21.70 -9.18 12.48
N ALA B 246 -21.41 -10.08 13.39
CA ALA B 246 -21.28 -11.47 13.05
C ALA B 246 -22.53 -12.07 12.37
N PRO B 247 -23.75 -11.55 12.65
CA PRO B 247 -24.89 -12.18 11.94
C PRO B 247 -24.85 -12.02 10.42
N TRP B 248 -24.03 -11.09 9.93
CA TRP B 248 -24.03 -10.72 8.50
C TRP B 248 -22.83 -11.32 7.74
N THR B 249 -22.23 -12.34 8.31
CA THR B 249 -21.28 -13.15 7.59
C THR B 249 -21.94 -13.80 6.38
N GLY B 250 -21.40 -13.53 5.21
CA GLY B 250 -21.99 -14.05 3.95
C GLY B 250 -23.03 -13.16 3.29
N ALA B 251 -23.28 -11.98 3.84
CA ALA B 251 -24.42 -11.19 3.42
C ALA B 251 -23.94 -10.19 2.40
N GLN B 252 -24.77 -9.89 1.41
CA GLN B 252 -24.40 -8.98 0.35
C GLN B 252 -25.17 -7.71 0.49
N VAL B 253 -24.62 -6.59 0.00
CA VAL B 253 -25.39 -5.35 -0.17
C VAL B 253 -26.12 -5.45 -1.51
N LYS B 254 -27.42 -5.27 -1.52
CA LYS B 254 -28.23 -5.37 -2.72
C LYS B 254 -28.71 -4.08 -3.33
N VAL B 255 -28.18 -2.97 -2.87
CA VAL B 255 -28.62 -1.70 -3.38
C VAL B 255 -27.71 -1.29 -4.55
N PRO B 256 -28.29 -0.69 -5.60
CA PRO B 256 -27.41 -0.22 -6.68
C PRO B 256 -26.43 0.77 -6.15
N THR B 257 -25.15 0.61 -6.52
CA THR B 257 -24.06 1.38 -5.90
C THR B 257 -23.06 1.93 -6.91
N LYS B 258 -22.60 3.15 -6.67
CA LYS B 258 -21.45 3.73 -7.34
C LYS B 258 -20.42 4.11 -6.31
N PHE B 259 -19.16 3.70 -6.56
CA PHE B 259 -18.07 3.92 -5.62
C PHE B 259 -16.99 4.77 -6.26
N ILE B 260 -16.58 5.83 -5.58
CA ILE B 260 -15.63 6.78 -6.10
C ILE B 260 -14.55 7.00 -5.05
N VAL B 261 -13.28 7.04 -5.48
CA VAL B 261 -12.16 7.18 -4.59
C VAL B 261 -11.05 7.97 -5.26
N GLY B 262 -10.33 8.77 -4.52
CA GLY B 262 -9.20 9.49 -5.06
C GLY B 262 -7.96 8.66 -5.10
N GLU B 263 -7.14 8.86 -6.12
CA GLU B 263 -5.90 8.14 -6.34
C GLU B 263 -5.00 8.02 -5.11
N PHE B 264 -4.84 9.13 -4.43
CA PHE B 264 -3.96 9.24 -3.29
C PHE B 264 -4.61 9.09 -1.91
N ASP B 265 -5.90 8.73 -1.87
CA ASP B 265 -6.62 8.49 -0.59
C ASP B 265 -5.93 7.35 0.19
N LEU B 266 -5.39 7.66 1.37
CA LEU B 266 -4.80 6.62 2.26
C LEU B 266 -5.68 5.36 2.46
N VAL B 267 -6.99 5.54 2.44
CA VAL B 267 -7.89 4.39 2.61
C VAL B 267 -7.74 3.37 1.46
N TYR B 268 -7.48 3.93 0.30
CA TYR B 268 -7.32 3.17 -0.94
C TYR B 268 -5.99 2.41 -1.00
N HIS B 269 -5.08 2.75 -0.10
CA HIS B 269 -3.78 2.09 0.00
C HIS B 269 -3.67 1.19 1.24
N ILE B 270 -4.78 0.93 1.92
CA ILE B 270 -4.79 -0.07 2.98
C ILE B 270 -4.41 -1.44 2.32
N PRO B 271 -3.57 -2.25 2.98
CA PRO B 271 -3.21 -3.49 2.36
C PRO B 271 -4.44 -4.31 2.00
N GLY B 272 -4.47 -4.80 0.78
CA GLY B 272 -5.58 -5.57 0.29
C GLY B 272 -6.67 -4.81 -0.39
N ALA B 273 -6.75 -3.48 -0.17
CA ALA B 273 -7.87 -2.72 -0.67
C ALA B 273 -7.97 -2.72 -2.20
N LYS B 274 -6.86 -2.43 -2.86
CA LYS B 274 -6.86 -2.38 -4.29
C LYS B 274 -7.20 -3.73 -4.87
N GLU B 275 -6.60 -4.79 -4.33
CA GLU B 275 -6.92 -6.17 -4.78
C GLU B 275 -8.47 -6.44 -4.67
N TYR B 276 -9.03 -6.11 -3.55
CA TYR B 276 -10.44 -6.31 -3.28
C TYR B 276 -11.32 -5.51 -4.27
N ILE B 277 -10.98 -4.25 -4.43
CA ILE B 277 -11.78 -3.32 -5.19
C ILE B 277 -11.74 -3.74 -6.67
N HIS B 278 -10.55 -4.13 -7.18
CA HIS B 278 -10.35 -4.26 -8.63
C HIS B 278 -10.33 -5.68 -9.14
N ASN B 279 -10.19 -6.68 -8.28
CA ASN B 279 -10.03 -8.05 -8.79
C ASN B 279 -11.24 -8.97 -8.46
N GLY B 280 -12.38 -8.38 -8.08
CA GLY B 280 -13.65 -9.13 -7.96
C GLY B 280 -14.27 -9.23 -6.60
N GLY B 281 -13.48 -9.16 -5.53
CA GLY B 281 -14.03 -9.24 -4.19
C GLY B 281 -15.18 -8.27 -3.93
N PHE B 282 -14.97 -7.03 -4.30
CA PHE B 282 -15.92 -5.95 -4.03
C PHE B 282 -17.24 -6.21 -4.72
N LYS B 283 -17.14 -6.55 -6.00
CA LYS B 283 -18.30 -6.90 -6.80
C LYS B 283 -19.04 -8.15 -6.29
N LYS B 284 -18.33 -9.11 -5.68
CA LYS B 284 -19.03 -10.23 -5.00
C LYS B 284 -19.91 -9.80 -3.83
N ASP B 285 -19.41 -8.88 -3.03
CA ASP B 285 -20.16 -8.40 -1.87
C ASP B 285 -21.24 -7.39 -2.21
N VAL B 286 -21.07 -6.73 -3.36
CA VAL B 286 -21.96 -5.62 -3.77
C VAL B 286 -22.32 -5.86 -5.23
N PRO B 287 -23.30 -6.77 -5.47
CA PRO B 287 -23.52 -7.27 -6.80
C PRO B 287 -24.06 -6.24 -7.80
N LEU B 288 -24.68 -5.18 -7.30
CA LEU B 288 -25.13 -4.10 -8.22
C LEU B 288 -24.16 -2.90 -8.21
N LEU B 289 -22.87 -3.17 -7.92
CA LEU B 289 -21.83 -2.16 -8.01
C LEU B 289 -21.55 -1.79 -9.45
N GLU B 290 -21.61 -0.51 -9.77
CA GLU B 290 -21.23 0.00 -11.09
C GLU B 290 -19.74 0.08 -11.17
N GLU B 291 -19.20 0.35 -12.37
CA GLU B 291 -17.76 0.49 -12.47
C GLU B 291 -17.23 1.53 -11.45
N VAL B 292 -16.18 1.12 -10.77
CA VAL B 292 -15.52 1.93 -9.81
C VAL B 292 -14.86 3.14 -10.50
N VAL B 293 -14.97 4.30 -9.86
CA VAL B 293 -14.37 5.52 -10.34
C VAL B 293 -13.22 5.90 -9.46
N VAL B 294 -12.09 6.09 -10.08
CA VAL B 294 -10.85 6.56 -9.39
C VAL B 294 -10.53 7.94 -9.94
N LEU B 295 -10.50 8.95 -9.09
CA LEU B 295 -10.21 10.28 -9.52
C LEU B 295 -8.70 10.50 -9.50
N GLU B 296 -8.10 10.52 -10.69
CA GLU B 296 -6.70 10.80 -10.88
C GLU B 296 -6.34 12.14 -10.25
N GLY B 297 -5.25 12.15 -9.49
CA GLY B 297 -4.67 13.36 -8.92
C GLY B 297 -5.38 13.82 -7.64
N ALA B 298 -6.41 13.08 -7.19
CA ALA B 298 -7.14 13.44 -5.96
C ALA B 298 -6.79 12.58 -4.77
N ALA B 299 -7.00 13.12 -3.58
CA ALA B 299 -6.69 12.45 -2.35
C ALA B 299 -8.00 12.12 -1.58
N HIS B 300 -7.99 12.19 -0.26
CA HIS B 300 -9.13 11.64 0.51
C HIS B 300 -10.39 12.44 0.41
N PHE B 301 -10.29 13.77 0.43
CA PHE B 301 -11.45 14.63 0.73
C PHE B 301 -12.14 15.09 -0.54
N VAL B 302 -12.57 14.10 -1.34
CA VAL B 302 -12.95 14.32 -2.74
C VAL B 302 -14.17 15.21 -2.93
N SER B 303 -15.07 15.21 -1.96
CA SER B 303 -16.25 16.03 -2.07
C SER B 303 -15.92 17.51 -2.04
N GLN B 304 -14.82 17.85 -1.33
CA GLN B 304 -14.40 19.24 -1.24
C GLN B 304 -13.31 19.56 -2.25
N GLU B 305 -12.44 18.57 -2.51
CA GLU B 305 -11.33 18.76 -3.42
C GLU B 305 -11.78 18.82 -4.89
N ARG B 306 -12.71 17.96 -5.29
CA ARG B 306 -13.17 17.79 -6.68
C ARG B 306 -14.73 17.95 -6.63
N PRO B 307 -15.19 19.11 -6.15
CA PRO B 307 -16.64 19.23 -5.86
C PRO B 307 -17.54 18.99 -7.07
N HIS B 308 -17.19 19.61 -8.19
CA HIS B 308 -18.08 19.53 -9.38
C HIS B 308 -17.99 18.17 -10.05
N GLU B 309 -16.84 17.54 -9.95
CA GLU B 309 -16.67 16.21 -10.45
C GLU B 309 -17.50 15.22 -9.63
N ILE B 310 -17.42 15.34 -8.31
CA ILE B 310 -18.23 14.50 -7.40
C ILE B 310 -19.72 14.78 -7.61
N SER B 311 -20.09 16.05 -7.71
CA SER B 311 -21.48 16.44 -7.83
C SER B 311 -22.06 15.81 -9.10
N LYS B 312 -21.34 15.93 -10.22
CA LYS B 312 -21.83 15.42 -11.48
C LYS B 312 -21.90 13.89 -11.49
N HIS B 313 -20.89 13.25 -10.92
CA HIS B 313 -20.98 11.82 -10.71
C HIS B 313 -22.26 11.41 -9.91
N ILE B 314 -22.57 12.11 -8.83
CA ILE B 314 -23.76 11.86 -8.09
C ILE B 314 -25.00 12.04 -8.99
N TYR B 315 -25.12 13.19 -9.66
CA TYR B 315 -26.31 13.53 -10.41
C TYR B 315 -26.56 12.50 -11.53
N ASP B 316 -25.51 12.14 -12.23
CA ASP B 316 -25.64 11.22 -13.37
C ASP B 316 -26.04 9.79 -12.96
N PHE B 317 -25.57 9.35 -11.79
CA PHE B 317 -25.96 8.07 -11.26
C PHE B 317 -27.43 8.07 -10.78
N ILE B 318 -27.82 9.07 -10.00
CA ILE B 318 -29.18 9.07 -9.43
C ILE B 318 -30.23 9.29 -10.49
N GLN B 319 -29.86 10.00 -11.54
CA GLN B 319 -30.78 10.17 -12.65
C GLN B 319 -31.22 8.82 -13.29
N LYS B 320 -30.41 7.77 -13.14
CA LYS B 320 -30.75 6.44 -13.67
C LYS B 320 -31.92 5.80 -12.93
N PHE B 321 -32.24 6.35 -11.78
CA PHE B 321 -33.32 5.88 -10.99
C PHE B 321 -34.37 6.96 -10.88
C1 GOL C . 12.19 -14.05 -10.45
O1 GOL C . 13.30 -14.95 -10.83
C2 GOL C . 12.25 -12.66 -11.13
O2 GOL C . 12.87 -11.71 -10.27
C3 GOL C . 10.91 -11.98 -11.41
O3 GOL C . 11.18 -10.86 -12.30
C1 GOL D . 16.33 -15.71 -8.78
O1 GOL D . 15.52 -14.52 -9.05
C2 GOL D . 15.52 -16.98 -8.72
O2 GOL D . 15.04 -17.07 -7.38
C3 GOL D . 16.33 -18.24 -8.96
O3 GOL D . 15.70 -19.28 -8.20
C1 GOL E . 35.33 -11.52 -14.05
O1 GOL E . 34.52 -10.59 -14.78
C2 GOL E . 36.19 -10.75 -13.02
O2 GOL E . 35.44 -10.56 -11.83
C3 GOL E . 37.38 -11.62 -12.71
O3 GOL E . 38.09 -11.12 -11.53
C1 GOL F . 35.30 -2.37 4.96
O1 GOL F . 34.30 -3.18 4.27
C2 GOL F . 35.46 -2.76 6.43
O2 GOL F . 36.29 -3.93 6.44
C3 GOL F . 36.05 -1.66 7.29
O3 GOL F . 36.34 -2.14 8.65
C1 EDO G . 22.53 6.95 -14.24
O1 EDO G . 23.94 7.27 -14.25
C2 EDO G . 21.67 8.19 -13.93
O2 EDO G . 20.36 7.95 -14.46
C1 GOL H . -9.39 7.75 7.44
O1 GOL H . -9.65 6.78 8.49
C2 GOL H . -9.70 9.15 7.99
O2 GOL H . -11.09 9.21 8.21
C3 GOL H . -9.31 10.39 7.17
O3 GOL H . -9.39 11.59 8.02
C1 GOL I . -11.92 2.39 7.71
O1 GOL I . -10.51 2.17 7.91
C2 GOL I . -12.47 3.46 8.64
O2 GOL I . -11.48 3.84 9.57
C3 GOL I . -12.99 4.74 7.97
O3 GOL I . -11.90 5.58 7.57
C1 GOL J . -21.54 16.22 24.37
O1 GOL J . -22.38 17.28 24.85
C2 GOL J . -22.47 15.11 23.92
O2 GOL J . -23.86 15.54 23.91
C3 GOL J . -22.06 14.66 22.54
O3 GOL J . -22.80 13.47 22.28
C1 GOL K . -20.52 -6.12 8.15
O1 GOL K . -19.34 -5.58 8.76
C2 GOL K . -20.28 -7.48 7.51
O2 GOL K . -19.09 -7.45 6.76
C3 GOL K . -21.40 -7.74 6.54
O3 GOL K . -21.30 -9.05 5.97
C1 GOL L . -35.75 15.49 -12.34
O1 GOL L . -35.11 14.63 -13.27
C2 GOL L . -34.93 15.54 -11.06
O2 GOL L . -35.02 16.87 -10.53
C3 GOL L . -35.47 14.52 -10.08
O3 GOL L . -36.71 14.96 -9.54
C1 EDO M . -24.41 19.24 -15.64
O1 EDO M . -24.50 20.65 -15.37
C2 EDO M . -25.60 18.50 -15.01
O2 EDO M . -26.85 19.19 -15.29
#